data_4LS7
#
_entry.id   4LS7
#
_cell.length_a   72.266
_cell.length_b   87.721
_cell.length_c   144.730
_cell.angle_alpha   90.00
_cell.angle_beta   90.00
_cell.angle_gamma   90.00
#
_symmetry.space_group_name_H-M   'P 21 21 21'
#
loop_
_entity.id
_entity.type
_entity.pdbx_description
1 polymer '3-oxoacyl-[acyl-carrier-protein] synthase 2'
2 non-polymer 'POTASSIUM ION'
3 non-polymer GLYCEROL
4 non-polymer Cerulenin
5 water water
#
_entity_poly.entity_id   1
_entity_poly.type   'polypeptide(L)'
_entity_poly.pdbx_seq_one_letter_code
;MRGSHHHHHHGIQMTKKRVVVTGLGALSPLGNDVDTSWNNAINGVSGIGPITRVDAEEYPAKVAAELKDFNVEDYMDKKE
ARKMDRFTQYAVVAAKMAVEDADLNITDEIAPRVGVWVGSGIGGLETLESQFEIFLTKGPRRVSPFFVPMMIPDMATGQI
SIALGAKGVNSCTVTACATGTNSIGDAFKVIQRGDADVMVTGGTEAPLTRMSFAGFSANKALSTNPDPKTASRPFDKNRD
GFVMGEGAGIIVLEELEHALARGAKIYGEIVGYGSTGDAYHITAPAQDGEGGARAMQEAIKDAGIAPEEIDYINAHGTST
YYNDKYETMAIKTVFGEHAHKLAVSSTKSMTGHLLGAAGGIEAIFSILAIKEGVIPPTINIQTPDEECDLDYVPDEARRQ
ELNYVLSNSLGFGGHNATLIFKKYQS
;
_entity_poly.pdbx_strand_id   A,B
#
# COMPACT_ATOMS: atom_id res chain seq x y z
N MET A 14 24.23 -10.21 10.56
CA MET A 14 24.48 -8.84 10.10
C MET A 14 24.00 -7.81 11.13
N THR A 15 24.67 -6.65 11.13
CA THR A 15 24.31 -5.54 12.01
C THR A 15 23.27 -4.66 11.30
N LYS A 16 22.34 -4.11 12.07
CA LYS A 16 21.37 -3.14 11.56
C LYS A 16 22.09 -1.89 11.06
N LYS A 17 21.72 -1.42 9.88
CA LYS A 17 22.33 -0.21 9.34
C LYS A 17 21.69 1.00 10.00
N ARG A 18 22.47 2.06 10.17
CA ARG A 18 21.91 3.31 10.61
C ARG A 18 21.37 4.07 9.40
N VAL A 19 20.28 4.79 9.61
CA VAL A 19 19.55 5.42 8.52
C VAL A 19 19.35 6.88 8.82
N VAL A 20 19.91 7.75 7.96
CA VAL A 20 19.82 9.19 8.19
C VAL A 20 18.98 9.89 7.12
N VAL A 21 18.57 11.11 7.41
CA VAL A 21 17.75 11.90 6.50
C VAL A 21 18.65 12.90 5.79
N THR A 22 18.69 12.84 4.47
CA THR A 22 19.68 13.64 3.72
C THR A 22 19.07 14.61 2.71
N GLY A 23 17.74 14.60 2.57
CA GLY A 23 17.07 15.50 1.66
C GLY A 23 15.60 15.64 2.03
N LEU A 24 15.04 16.82 1.79
CA LEU A 24 13.64 17.10 2.11
C LEU A 24 12.98 17.76 0.90
N GLY A 25 11.76 17.38 0.60
CA GLY A 25 11.00 18.01 -0.48
C GLY A 25 9.54 18.09 -0.09
N ALA A 26 8.88 19.20 -0.41
CA ALA A 26 7.48 19.35 0.00
C ALA A 26 6.67 20.34 -0.83
N LEU A 27 5.38 20.02 -1.01
CA LEU A 27 4.38 21.00 -1.43
C LEU A 27 3.31 20.96 -0.35
N SER A 28 2.96 22.10 0.22
CA SER A 28 1.93 22.09 1.27
C SER A 28 1.10 23.37 1.22
N PRO A 29 -0.02 23.40 1.96
CA PRO A 29 -0.81 24.64 2.01
C PRO A 29 -0.03 25.82 2.62
N LEU A 30 1.12 25.53 3.24
CA LEU A 30 1.97 26.58 3.81
C LEU A 30 3.10 27.04 2.91
N GLY A 31 3.28 26.39 1.76
CA GLY A 31 4.35 26.80 0.86
C GLY A 31 4.67 25.74 -0.18
N ASN A 32 5.19 26.17 -1.32
CA ASN A 32 5.53 25.25 -2.40
C ASN A 32 6.98 24.78 -2.36
N ASP A 33 7.58 24.91 -1.18
CA ASP A 33 8.86 24.25 -0.91
C ASP A 33 8.98 24.01 0.59
N VAL A 34 10.04 23.32 1.00
CA VAL A 34 10.20 22.99 2.40
C VAL A 34 10.44 24.22 3.25
N ASP A 35 11.33 25.10 2.78
CA ASP A 35 11.70 26.26 3.56
C ASP A 35 10.52 27.15 3.85
N THR A 36 9.70 27.41 2.83
CA THR A 36 8.53 28.26 3.00
C THR A 36 7.51 27.58 3.91
N SER A 37 7.28 26.29 3.70
CA SER A 37 6.35 25.54 4.55
C SER A 37 6.80 25.58 6.00
N TRP A 38 8.08 25.29 6.25
CA TRP A 38 8.63 25.26 7.60
C TRP A 38 8.64 26.66 8.22
N ASN A 39 9.08 27.65 7.44
CA ASN A 39 9.14 29.01 7.97
C ASN A 39 7.75 29.50 8.37
N ASN A 40 6.74 29.12 7.59
CA ASN A 40 5.37 29.52 7.91
C ASN A 40 4.87 28.81 9.17
N ALA A 41 5.17 27.52 9.26
CA ALA A 41 4.83 26.71 10.42
C ALA A 41 5.38 27.31 11.72
N ILE A 42 6.66 27.66 11.73
CA ILE A 42 7.27 28.17 12.96
C ILE A 42 6.87 29.62 13.28
N ASN A 43 6.10 30.22 12.38
CA ASN A 43 5.54 31.56 12.63
C ASN A 43 4.02 31.54 12.80
N GLY A 44 3.48 30.34 13.02
CA GLY A 44 2.05 30.18 13.29
C GLY A 44 1.13 30.62 12.19
N VAL A 45 1.59 30.54 10.94
CA VAL A 45 0.77 30.95 9.79
C VAL A 45 -0.25 29.88 9.44
N SER A 46 -1.50 30.29 9.24
CA SER A 46 -2.54 29.35 8.80
C SER A 46 -2.59 29.19 7.28
N GLY A 47 -2.68 27.94 6.82
CA GLY A 47 -2.81 27.67 5.39
C GLY A 47 -4.25 27.40 5.00
N ILE A 48 -5.17 27.65 5.91
CA ILE A 48 -6.58 27.36 5.67
C ILE A 48 -7.33 28.58 5.14
N GLY A 49 -8.15 28.35 4.12
CA GLY A 49 -8.96 29.40 3.55
C GLY A 49 -10.23 28.82 2.95
N PRO A 50 -10.96 29.62 2.17
CA PRO A 50 -12.20 29.20 1.54
C PRO A 50 -11.92 28.12 0.53
N ILE A 51 -12.86 27.19 0.36
CA ILE A 51 -12.73 26.18 -0.67
C ILE A 51 -12.83 26.84 -2.04
N THR A 52 -11.89 26.53 -2.94
CA THR A 52 -11.98 26.99 -4.32
C THR A 52 -11.94 25.83 -5.31
N ARG A 53 -11.42 24.68 -4.86
CA ARG A 53 -11.20 23.55 -5.76
C ARG A 53 -12.51 22.92 -6.23
N VAL A 54 -13.53 22.97 -5.37
CA VAL A 54 -14.87 22.53 -5.72
C VAL A 54 -15.89 23.57 -5.27
N ASP A 55 -17.16 23.36 -5.60
CA ASP A 55 -18.22 24.29 -5.20
C ASP A 55 -18.65 24.01 -3.76
N ALA A 56 -18.30 24.90 -2.84
CA ALA A 56 -18.60 24.72 -1.42
C ALA A 56 -20.09 24.80 -1.06
N GLU A 57 -20.91 25.25 -2.00
CA GLU A 57 -22.35 25.37 -1.78
C GLU A 57 -23.01 24.04 -1.45
N GLU A 58 -22.45 22.97 -1.99
CA GLU A 58 -23.05 21.64 -1.92
C GLU A 58 -22.69 20.90 -0.63
N TYR A 59 -21.77 21.47 0.16
CA TYR A 59 -21.30 20.78 1.36
C TYR A 59 -21.43 21.65 2.59
N PRO A 60 -21.56 21.00 3.76
CA PRO A 60 -21.54 21.74 5.02
C PRO A 60 -20.14 22.28 5.33
N ALA A 61 -19.10 21.62 4.82
CA ALA A 61 -17.74 22.13 4.99
C ALA A 61 -17.50 23.30 4.03
N LYS A 62 -16.86 24.37 4.52
CA LYS A 62 -16.71 25.60 3.74
C LYS A 62 -15.25 26.00 3.56
N VAL A 63 -14.34 25.32 4.25
CA VAL A 63 -12.94 25.73 4.22
C VAL A 63 -12.06 24.54 3.90
N ALA A 64 -10.84 24.83 3.44
CA ALA A 64 -9.88 23.77 3.11
C ALA A 64 -8.48 24.36 3.13
N ALA A 65 -7.48 23.48 3.14
CA ALA A 65 -6.09 23.90 3.08
C ALA A 65 -5.52 23.53 1.71
N GLU A 66 -5.49 24.51 0.81
CA GLU A 66 -5.13 24.24 -0.58
C GLU A 66 -3.72 24.70 -0.87
N LEU A 67 -3.06 24.13 -1.87
CA LEU A 67 -1.83 24.73 -2.36
C LEU A 67 -2.18 26.10 -2.93
N LYS A 68 -1.32 27.08 -2.72
CA LYS A 68 -1.50 28.38 -3.36
C LYS A 68 -0.48 28.59 -4.44
N ASP A 69 -0.93 29.14 -5.56
CA ASP A 69 -0.02 29.57 -6.62
C ASP A 69 0.81 28.42 -7.18
N PHE A 70 0.32 27.18 -7.09
CA PHE A 70 1.10 26.06 -7.63
C PHE A 70 0.84 25.87 -9.12
N ASN A 71 1.87 26.14 -9.92
CA ASN A 71 1.81 25.92 -11.35
C ASN A 71 2.71 24.75 -11.74
N VAL A 72 2.12 23.59 -12.02
CA VAL A 72 2.90 22.39 -12.31
C VAL A 72 3.84 22.55 -13.53
N GLU A 73 3.45 23.41 -14.48
CA GLU A 73 4.26 23.63 -15.67
C GLU A 73 5.58 24.32 -15.40
N ASP A 74 5.77 24.83 -14.18
CA ASP A 74 7.05 25.40 -13.79
C ASP A 74 8.07 24.28 -13.53
N TYR A 75 7.59 23.04 -13.48
CA TYR A 75 8.40 21.90 -13.07
C TYR A 75 8.56 20.82 -14.12
N MET A 76 7.69 20.84 -15.13
CA MET A 76 7.69 19.82 -16.17
C MET A 76 6.92 20.32 -17.37
N ASP A 77 7.03 19.63 -18.50
CA ASP A 77 6.26 19.99 -19.68
C ASP A 77 4.79 19.82 -19.41
N LYS A 78 3.97 20.66 -20.02
CA LYS A 78 2.52 20.54 -19.92
C LYS A 78 2.03 19.15 -20.33
N LYS A 79 2.59 18.61 -21.40
CA LYS A 79 2.15 17.27 -21.84
C LYS A 79 2.50 16.16 -20.85
N GLU A 80 3.54 16.35 -20.04
CA GLU A 80 3.85 15.38 -19.00
C GLU A 80 2.87 15.52 -17.83
N ALA A 81 2.59 16.77 -17.45
CA ALA A 81 1.64 17.00 -16.35
C ALA A 81 0.23 16.50 -16.69
N ARG A 82 -0.14 16.53 -17.97
CA ARG A 82 -1.48 16.12 -18.39
C ARG A 82 -1.73 14.63 -18.24
N LYS A 83 -0.64 13.87 -18.08
CA LYS A 83 -0.76 12.44 -17.89
C LYS A 83 -0.52 12.07 -16.43
N MET A 84 -0.62 13.08 -15.56
CA MET A 84 -0.54 12.86 -14.12
C MET A 84 -1.74 13.44 -13.38
N ASP A 85 -2.35 12.65 -12.51
CA ASP A 85 -3.32 13.23 -11.56
C ASP A 85 -2.53 14.15 -10.64
N ARG A 86 -3.20 15.15 -10.06
CA ARG A 86 -2.55 16.01 -9.08
C ARG A 86 -1.74 15.27 -8.00
N PHE A 87 -2.23 14.14 -7.48
CA PHE A 87 -1.48 13.45 -6.41
C PHE A 87 -0.11 13.01 -6.90
N THR A 88 -0.03 12.63 -8.17
CA THR A 88 1.24 12.25 -8.80
C THR A 88 2.12 13.46 -9.11
N GLN A 89 1.50 14.52 -9.63
CA GLN A 89 2.23 15.77 -9.83
C GLN A 89 2.93 16.20 -8.53
N TYR A 90 2.21 16.15 -7.41
CA TYR A 90 2.78 16.67 -6.18
C TYR A 90 3.96 15.81 -5.76
N ALA A 91 3.80 14.50 -5.88
CA ALA A 91 4.81 13.53 -5.50
C ALA A 91 6.10 13.69 -6.34
N VAL A 92 5.95 13.82 -7.65
CA VAL A 92 7.11 13.96 -8.53
C VAL A 92 7.85 15.26 -8.24
N VAL A 93 7.11 16.35 -8.06
CA VAL A 93 7.74 17.64 -7.77
C VAL A 93 8.46 17.60 -6.42
N ALA A 94 7.78 17.07 -5.40
CA ALA A 94 8.39 16.98 -4.07
C ALA A 94 9.59 16.04 -4.04
N ALA A 95 9.53 14.93 -4.79
CA ALA A 95 10.64 13.97 -4.80
C ALA A 95 11.86 14.55 -5.48
N LYS A 96 11.64 15.22 -6.60
CA LYS A 96 12.74 15.85 -7.28
C LYS A 96 13.37 16.92 -6.39
N MET A 97 12.53 17.67 -5.69
N MET A 97 12.52 17.67 -5.68
CA MET A 97 13.01 18.68 -4.75
CA MET A 97 12.99 18.69 -4.75
C MET A 97 13.89 18.05 -3.68
C MET A 97 13.87 18.07 -3.67
N ALA A 98 13.43 16.92 -3.15
CA ALA A 98 14.16 16.19 -2.10
C ALA A 98 15.52 15.67 -2.59
N VAL A 99 15.55 15.13 -3.81
CA VAL A 99 16.80 14.59 -4.34
C VAL A 99 17.78 15.72 -4.67
N GLU A 100 17.26 16.84 -5.17
CA GLU A 100 18.11 18.00 -5.43
C GLU A 100 18.65 18.58 -4.13
N ASP A 101 17.81 18.62 -3.11
CA ASP A 101 18.24 19.08 -1.79
C ASP A 101 19.33 18.16 -1.24
N ALA A 102 19.17 16.85 -1.45
CA ALA A 102 20.16 15.85 -1.05
C ALA A 102 21.46 15.92 -1.82
N ASP A 103 21.41 16.58 -2.98
CA ASP A 103 22.56 16.64 -3.90
C ASP A 103 23.03 15.25 -4.29
N LEU A 104 22.06 14.34 -4.42
CA LEU A 104 22.35 12.96 -4.79
C LEU A 104 22.37 12.78 -6.30
N ASN A 105 23.45 12.22 -6.82
CA ASN A 105 23.57 11.95 -8.24
C ASN A 105 23.28 10.48 -8.48
N ILE A 106 22.08 10.21 -9.01
CA ILE A 106 21.64 8.83 -9.20
C ILE A 106 22.15 8.34 -10.56
N THR A 107 23.30 7.67 -10.52
CA THR A 107 23.97 7.15 -11.69
C THR A 107 23.52 5.71 -11.98
N ASP A 108 23.92 5.18 -13.13
CA ASP A 108 23.64 3.78 -13.45
C ASP A 108 24.25 2.87 -12.40
N GLU A 109 25.40 3.28 -11.89
CA GLU A 109 26.12 2.50 -10.89
C GLU A 109 25.32 2.31 -9.61
N ILE A 110 24.70 3.38 -9.10
CA ILE A 110 23.98 3.26 -7.83
C ILE A 110 22.45 3.11 -7.98
N ALA A 111 21.94 3.22 -9.20
CA ALA A 111 20.48 3.11 -9.42
C ALA A 111 19.79 1.90 -8.78
N PRO A 112 20.38 0.69 -8.85
CA PRO A 112 19.69 -0.45 -8.22
C PRO A 112 19.64 -0.39 -6.69
N ARG A 113 20.39 0.53 -6.09
CA ARG A 113 20.44 0.68 -4.64
C ARG A 113 19.66 1.90 -4.16
N VAL A 114 18.99 2.58 -5.09
CA VAL A 114 18.12 3.71 -4.75
C VAL A 114 16.69 3.34 -5.08
N GLY A 115 15.85 3.28 -4.04
CA GLY A 115 14.47 2.89 -4.23
C GLY A 115 13.49 3.99 -3.87
N VAL A 116 12.20 3.68 -3.98
CA VAL A 116 11.15 4.66 -3.80
C VAL A 116 10.00 3.98 -3.06
N TRP A 117 9.54 4.61 -1.98
CA TRP A 117 8.42 4.05 -1.22
C TRP A 117 7.54 5.20 -0.80
N VAL A 118 6.63 5.59 -1.69
CA VAL A 118 5.76 6.72 -1.43
C VAL A 118 4.31 6.26 -1.47
N GLY A 119 3.55 6.61 -0.44
CA GLY A 119 2.16 6.20 -0.38
C GLY A 119 1.19 7.32 -0.67
N SER A 120 -0.06 6.94 -0.93
CA SER A 120 -1.15 7.90 -1.06
C SER A 120 -2.36 7.22 -0.49
N GLY A 121 -3.22 7.96 0.20
CA GLY A 121 -4.40 7.36 0.77
C GLY A 121 -5.46 6.93 -0.26
N ILE A 122 -5.60 7.71 -1.33
CA ILE A 122 -6.60 7.36 -2.33
C ILE A 122 -6.13 7.50 -3.79
N GLY A 123 -4.96 8.09 -3.99
CA GLY A 123 -4.46 8.22 -5.35
C GLY A 123 -5.32 9.14 -6.21
N GLY A 124 -5.54 8.77 -7.46
CA GLY A 124 -6.11 9.70 -8.44
C GLY A 124 -7.62 9.79 -8.47
N LEU A 125 -8.21 10.22 -7.35
CA LEU A 125 -9.66 10.27 -7.24
C LEU A 125 -10.28 11.27 -8.22
N GLU A 126 -9.65 12.42 -8.40
CA GLU A 126 -10.14 13.40 -9.35
C GLU A 126 -10.19 12.81 -10.76
N THR A 127 -9.15 12.06 -11.14
CA THR A 127 -9.13 11.41 -12.45
C THR A 127 -10.26 10.38 -12.57
N LEU A 128 -10.46 9.58 -11.53
CA LEU A 128 -11.55 8.61 -11.55
C LEU A 128 -12.89 9.31 -11.77
N GLU A 129 -13.12 10.40 -11.02
CA GLU A 129 -14.39 11.09 -11.13
C GLU A 129 -14.61 11.63 -12.54
N SER A 130 -13.63 12.34 -13.07
N SER A 130 -13.60 12.30 -13.07
CA SER A 130 -13.79 12.93 -14.40
CA SER A 130 -13.68 12.89 -14.40
C SER A 130 -13.93 11.87 -15.48
C SER A 130 -13.91 11.82 -15.47
N GLN A 131 -13.20 10.76 -15.35
N GLN A 131 -13.19 10.72 -15.35
CA GLN A 131 -13.28 9.70 -16.34
CA GLN A 131 -13.29 9.66 -16.35
C GLN A 131 -14.61 8.93 -16.25
C GLN A 131 -14.61 8.91 -16.25
N PHE A 132 -15.12 8.76 -15.04
CA PHE A 132 -16.41 8.09 -14.87
C PHE A 132 -17.50 8.96 -15.48
N GLU A 133 -17.35 10.27 -15.35
N GLU A 133 -17.36 10.28 -15.36
CA GLU A 133 -18.33 11.17 -15.95
CA GLU A 133 -18.30 11.20 -15.97
C GLU A 133 -18.30 11.09 -17.47
C GLU A 133 -18.29 11.05 -17.48
N ILE A 134 -17.11 10.90 -18.04
CA ILE A 134 -16.97 10.68 -19.48
C ILE A 134 -17.62 9.34 -19.86
N PHE A 135 -17.39 8.32 -19.05
CA PHE A 135 -18.03 7.01 -19.25
C PHE A 135 -19.54 7.16 -19.37
N LEU A 136 -20.14 7.96 -18.48
CA LEU A 136 -21.58 8.12 -18.44
C LEU A 136 -22.15 8.93 -19.60
N THR A 137 -21.38 9.86 -20.13
CA THR A 137 -21.86 10.80 -21.14
C THR A 137 -21.38 10.48 -22.56
N LYS A 138 -20.16 9.98 -22.68
CA LYS A 138 -19.60 9.67 -24.00
C LYS A 138 -19.54 8.18 -24.25
N GLY A 139 -19.67 7.40 -23.19
CA GLY A 139 -19.61 5.95 -23.33
C GLY A 139 -18.24 5.43 -22.94
N PRO A 140 -18.17 4.13 -22.65
CA PRO A 140 -16.93 3.46 -22.24
C PRO A 140 -15.82 3.54 -23.30
N ARG A 141 -16.18 3.66 -24.57
CA ARG A 141 -15.16 3.67 -25.63
C ARG A 141 -14.42 5.00 -25.72
N ARG A 142 -14.83 5.97 -24.92
CA ARG A 142 -14.13 7.26 -24.89
C ARG A 142 -13.39 7.49 -23.56
N VAL A 143 -13.38 6.48 -22.70
CA VAL A 143 -12.53 6.52 -21.53
C VAL A 143 -11.08 6.57 -22.04
N SER A 144 -10.23 7.35 -21.36
CA SER A 144 -8.84 7.52 -21.78
C SER A 144 -7.99 6.26 -21.61
N PRO A 145 -7.10 6.00 -22.57
CA PRO A 145 -6.11 4.92 -22.41
C PRO A 145 -5.20 5.15 -21.20
N PHE A 146 -5.14 6.38 -20.69
CA PHE A 146 -4.30 6.70 -19.55
C PHE A 146 -5.03 6.66 -18.20
N PHE A 147 -6.34 6.35 -18.23
CA PHE A 147 -7.15 6.36 -17.00
C PHE A 147 -6.57 5.46 -15.91
N VAL A 148 -6.35 4.19 -16.23
CA VAL A 148 -5.87 3.26 -15.19
C VAL A 148 -4.55 3.66 -14.55
N PRO A 149 -3.48 3.88 -15.36
CA PRO A 149 -2.25 4.29 -14.66
C PRO A 149 -2.35 5.63 -13.91
N MET A 150 -3.13 6.59 -14.43
CA MET A 150 -3.27 7.89 -13.75
C MET A 150 -3.96 7.79 -12.39
N MET A 151 -4.85 6.80 -12.24
CA MET A 151 -5.66 6.69 -11.02
C MET A 151 -4.99 5.89 -9.88
N ILE A 152 -4.24 4.84 -10.23
CA ILE A 152 -3.76 3.91 -9.19
C ILE A 152 -2.75 4.60 -8.24
N PRO A 153 -2.91 4.38 -6.93
CA PRO A 153 -2.10 5.15 -5.97
C PRO A 153 -0.60 4.92 -6.11
N ASP A 154 -0.19 3.76 -6.63
CA ASP A 154 1.23 3.45 -6.77
C ASP A 154 1.90 4.17 -7.95
N MET A 155 1.14 4.94 -8.71
N MET A 155 1.14 4.95 -8.70
CA MET A 155 1.74 5.67 -9.82
CA MET A 155 1.73 5.68 -9.82
C MET A 155 2.57 6.86 -9.35
C MET A 155 2.58 6.86 -9.36
N ALA A 156 2.38 7.28 -8.10
N ALA A 156 2.39 7.29 -8.12
CA ALA A 156 3.27 8.31 -7.56
CA ALA A 156 3.28 8.31 -7.57
C ALA A 156 4.67 7.71 -7.47
C ALA A 156 4.68 7.71 -7.47
N THR A 157 4.78 6.55 -6.83
CA THR A 157 6.04 5.82 -6.81
C THR A 157 6.54 5.51 -8.23
N GLY A 158 5.64 5.05 -9.09
CA GLY A 158 6.04 4.74 -10.46
C GLY A 158 6.66 5.92 -11.19
N GLN A 159 5.98 7.06 -11.13
CA GLN A 159 6.45 8.24 -11.85
C GLN A 159 7.69 8.85 -11.20
N ILE A 160 7.77 8.80 -9.88
CA ILE A 160 8.98 9.24 -9.20
C ILE A 160 10.17 8.42 -9.64
N SER A 161 10.03 7.08 -9.65
N SER A 161 9.97 7.09 -9.65
CA SER A 161 11.17 6.24 -10.00
CA SER A 161 11.01 6.15 -10.04
C SER A 161 11.64 6.52 -11.44
C SER A 161 11.55 6.51 -11.42
N ILE A 162 10.68 6.76 -12.33
N ILE A 162 10.63 6.76 -12.36
CA ILE A 162 11.01 7.10 -13.72
CA ILE A 162 11.01 7.11 -13.73
C ILE A 162 11.74 8.44 -13.79
C ILE A 162 11.75 8.44 -13.78
N ALA A 163 11.23 9.43 -13.05
CA ALA A 163 11.84 10.76 -13.07
C ALA A 163 13.27 10.75 -12.51
N LEU A 164 13.52 9.87 -11.54
CA LEU A 164 14.79 9.84 -10.83
C LEU A 164 15.78 8.82 -11.40
N GLY A 165 15.25 7.80 -12.08
CA GLY A 165 16.05 6.66 -12.50
C GLY A 165 16.38 5.74 -11.33
N ALA A 166 15.47 5.70 -10.34
CA ALA A 166 15.63 4.86 -9.15
C ALA A 166 15.14 3.44 -9.41
N LYS A 167 16.05 2.47 -9.37
CA LYS A 167 15.75 1.10 -9.79
C LYS A 167 15.69 0.08 -8.65
N GLY A 168 15.80 0.55 -7.41
CA GLY A 168 15.82 -0.35 -6.28
C GLY A 168 14.44 -0.70 -5.75
N VAL A 169 14.40 -1.10 -4.48
CA VAL A 169 13.15 -1.48 -3.82
C VAL A 169 12.09 -0.42 -4.06
N ASN A 170 10.91 -0.89 -4.45
CA ASN A 170 9.91 -0.04 -5.05
C ASN A 170 8.54 -0.44 -4.50
N SER A 171 7.89 0.46 -3.75
CA SER A 171 6.57 0.13 -3.21
C SER A 171 5.68 1.33 -2.93
N CYS A 172 4.48 1.03 -2.45
CA CYS A 172 3.50 2.07 -2.09
C CYS A 172 2.63 1.49 -0.98
N THR A 173 2.62 2.17 0.17
CA THR A 173 1.78 1.75 1.28
C THR A 173 0.53 2.61 1.25
N VAL A 174 -0.62 1.98 1.44
CA VAL A 174 -1.88 2.72 1.50
C VAL A 174 -2.55 2.34 2.82
N THR A 175 -2.48 3.25 3.79
CA THR A 175 -3.04 2.99 5.12
C THR A 175 -3.77 4.21 5.64
N ALA A 176 -4.58 4.80 4.77
N ALA A 176 -4.63 4.76 4.79
CA ALA A 176 -5.44 5.91 5.15
CA ALA A 176 -5.47 5.89 5.16
C ALA A 176 -4.59 7.04 5.70
C ALA A 176 -4.56 7.03 5.62
N CYS A 177 -5.00 7.59 6.84
N CYS A 177 -4.87 7.70 6.71
CA CYS A 177 -4.25 8.74 7.34
CA CYS A 177 -3.98 8.81 7.08
C CYS A 177 -2.92 8.38 8.01
C CYS A 177 -2.79 8.40 7.94
N ALA A 178 -2.62 7.08 8.09
N ALA A 178 -2.54 7.08 8.04
CA ALA A 178 -1.31 6.61 8.57
CA ALA A 178 -1.27 6.61 8.57
C ALA A 178 -0.29 6.48 7.43
C ALA A 178 -0.27 6.48 7.43
N THR A 179 -0.77 6.65 6.20
CA THR A 179 0.01 6.35 4.99
C THR A 179 1.44 6.94 4.98
N GLY A 180 1.56 8.24 5.25
CA GLY A 180 2.86 8.89 5.08
C GLY A 180 3.85 8.38 6.09
N THR A 181 3.36 8.11 7.30
CA THR A 181 4.19 7.61 8.38
C THR A 181 4.60 6.14 8.18
N ASN A 182 3.63 5.28 7.84
CA ASN A 182 3.95 3.89 7.47
C ASN A 182 4.95 3.83 6.32
N SER A 183 4.77 4.66 5.30
CA SER A 183 5.65 4.60 4.12
C SER A 183 7.10 4.88 4.52
N ILE A 184 7.29 5.91 5.34
CA ILE A 184 8.63 6.25 5.79
C ILE A 184 9.22 5.15 6.69
N GLY A 185 8.40 4.61 7.58
CA GLY A 185 8.87 3.51 8.42
C GLY A 185 9.26 2.30 7.63
N ASP A 186 8.47 1.96 6.60
CA ASP A 186 8.76 0.79 5.77
C ASP A 186 10.06 0.99 5.00
N ALA A 187 10.28 2.19 4.49
CA ALA A 187 11.52 2.53 3.79
C ALA A 187 12.73 2.45 4.75
N PHE A 188 12.53 2.95 5.96
CA PHE A 188 13.50 2.85 7.05
C PHE A 188 13.93 1.39 7.25
N LYS A 189 12.95 0.50 7.32
CA LYS A 189 13.27 -0.93 7.52
C LYS A 189 14.01 -1.56 6.32
N VAL A 190 13.67 -1.12 5.11
CA VAL A 190 14.42 -1.57 3.92
C VAL A 190 15.91 -1.26 4.06
N ILE A 191 16.23 -0.03 4.46
CA ILE A 191 17.63 0.35 4.56
C ILE A 191 18.30 -0.32 5.77
N GLN A 192 17.57 -0.41 6.87
CA GLN A 192 18.11 -1.06 8.07
C GLN A 192 18.62 -2.47 7.80
N ARG A 193 17.86 -3.21 6.98
CA ARG A 193 18.19 -4.60 6.70
C ARG A 193 19.12 -4.75 5.50
N GLY A 194 19.53 -3.62 4.93
CA GLY A 194 20.55 -3.62 3.90
C GLY A 194 20.09 -3.78 2.46
N ASP A 195 18.80 -3.61 2.21
CA ASP A 195 18.23 -3.92 0.89
C ASP A 195 18.18 -2.72 -0.06
N ALA A 196 18.60 -1.56 0.45
CA ALA A 196 18.75 -0.35 -0.37
C ALA A 196 19.71 0.60 0.35
N ASP A 197 20.42 1.44 -0.39
CA ASP A 197 21.27 2.44 0.25
C ASP A 197 20.55 3.77 0.40
N VAL A 198 19.57 4.00 -0.47
CA VAL A 198 18.81 5.25 -0.47
C VAL A 198 17.36 4.89 -0.74
N MET A 199 16.45 5.52 -0.01
CA MET A 199 15.03 5.40 -0.30
C MET A 199 14.40 6.78 -0.33
N VAL A 200 13.69 7.07 -1.42
CA VAL A 200 12.94 8.30 -1.53
C VAL A 200 11.52 7.97 -1.08
N THR A 201 11.07 8.61 0.00
CA THR A 201 9.90 8.07 0.71
C THR A 201 9.03 9.15 1.34
N GLY A 202 7.75 8.85 1.52
CA GLY A 202 6.84 9.81 2.14
C GLY A 202 5.43 9.55 1.69
N GLY A 203 4.63 10.62 1.61
CA GLY A 203 3.22 10.47 1.27
C GLY A 203 2.77 11.64 0.40
N THR A 204 1.73 11.41 -0.39
CA THR A 204 1.22 12.45 -1.27
C THR A 204 -0.30 12.30 -1.33
N GLU A 205 -1.02 13.40 -1.50
CA GLU A 205 -2.48 13.34 -1.56
C GLU A 205 -3.07 14.53 -2.28
N ALA A 206 -4.03 14.26 -3.17
CA ALA A 206 -4.81 15.35 -3.76
C ALA A 206 -6.27 14.98 -3.58
N PRO A 207 -6.78 15.12 -2.34
CA PRO A 207 -8.11 14.63 -1.98
C PRO A 207 -9.18 15.71 -2.08
N LEU A 208 -8.86 16.89 -2.56
CA LEU A 208 -9.87 17.94 -2.65
C LEU A 208 -10.73 17.71 -3.90
N THR A 209 -11.68 16.78 -3.80
CA THR A 209 -12.54 16.43 -4.92
C THR A 209 -13.99 16.37 -4.45
N ARG A 210 -14.92 16.30 -5.40
CA ARG A 210 -16.34 16.21 -5.09
C ARG A 210 -16.69 15.03 -4.19
N MET A 211 -16.17 13.85 -4.49
CA MET A 211 -16.53 12.65 -3.72
C MET A 211 -15.86 12.63 -2.37
N SER A 212 -14.66 13.18 -2.29
CA SER A 212 -13.98 13.23 -1.00
C SER A 212 -14.72 14.18 -0.06
N PHE A 213 -15.11 15.36 -0.55
CA PHE A 213 -15.92 16.25 0.30
C PHE A 213 -17.27 15.64 0.62
N ALA A 214 -17.88 15.00 -0.36
CA ALA A 214 -19.17 14.33 -0.13
C ALA A 214 -19.02 13.25 0.95
N GLY A 215 -17.95 12.46 0.86
CA GLY A 215 -17.80 11.32 1.74
C GLY A 215 -17.45 11.70 3.18
N PHE A 216 -16.57 12.68 3.33
CA PHE A 216 -16.17 13.11 4.67
C PHE A 216 -17.19 14.05 5.31
N SER A 217 -18.09 14.62 4.50
CA SER A 217 -19.26 15.31 5.04
C SER A 217 -20.28 14.29 5.53
N ALA A 218 -20.44 13.20 4.77
CA ALA A 218 -21.47 12.20 5.06
C ALA A 218 -21.25 11.51 6.40
N ASN A 219 -19.98 11.33 6.79
CA ASN A 219 -19.69 10.75 8.10
C ASN A 219 -19.25 11.80 9.12
N LYS A 220 -19.52 13.06 8.81
CA LYS A 220 -19.34 14.17 9.76
C LYS A 220 -17.89 14.36 10.21
N ALA A 221 -16.94 13.85 9.42
CA ALA A 221 -15.53 13.96 9.76
C ALA A 221 -15.03 15.41 9.66
N LEU A 222 -15.55 16.14 8.69
CA LEU A 222 -15.06 17.49 8.42
C LEU A 222 -15.67 18.52 9.37
N SER A 223 -14.87 19.51 9.74
CA SER A 223 -15.39 20.68 10.43
C SER A 223 -16.37 21.41 9.53
N THR A 224 -17.48 21.86 10.12
CA THR A 224 -18.46 22.66 9.39
C THR A 224 -18.39 24.11 9.87
N ASN A 225 -17.30 24.44 10.57
CA ASN A 225 -17.01 25.80 10.99
C ASN A 225 -16.66 26.61 9.75
N PRO A 226 -17.43 27.66 9.45
CA PRO A 226 -17.20 28.41 8.20
C PRO A 226 -16.08 29.43 8.31
N ASP A 227 -15.55 29.62 9.52
CA ASP A 227 -14.51 30.62 9.76
C ASP A 227 -13.13 29.99 9.62
N PRO A 228 -12.39 30.35 8.56
CA PRO A 228 -11.04 29.77 8.39
C PRO A 228 -10.09 30.13 9.54
N LYS A 229 -10.41 31.15 10.31
CA LYS A 229 -9.59 31.54 11.45
C LYS A 229 -9.66 30.55 12.61
N THR A 230 -10.75 29.79 12.70
CA THR A 230 -10.94 28.92 13.87
C THR A 230 -11.30 27.47 13.51
N ALA A 231 -11.40 27.17 12.22
CA ALA A 231 -11.90 25.85 11.82
C ALA A 231 -11.02 24.70 12.34
N SER A 232 -9.72 24.78 12.07
CA SER A 232 -8.80 23.76 12.55
C SER A 232 -8.25 24.21 13.89
N ARG A 233 -8.70 23.57 14.97
CA ARG A 233 -8.21 23.94 16.29
C ARG A 233 -8.02 22.71 17.17
N PRO A 234 -6.95 21.93 16.89
CA PRO A 234 -6.67 20.69 17.62
C PRO A 234 -6.60 20.95 19.13
N PHE A 235 -7.23 20.08 19.92
CA PHE A 235 -7.22 20.14 21.38
C PHE A 235 -8.12 21.21 22.00
N ASP A 236 -8.75 22.01 21.14
CA ASP A 236 -9.64 23.07 21.63
C ASP A 236 -10.98 22.47 22.02
N LYS A 237 -11.61 23.03 23.04
CA LYS A 237 -12.89 22.47 23.50
C LYS A 237 -13.96 22.51 22.42
N ASN A 238 -13.87 23.47 21.50
CA ASN A 238 -14.90 23.65 20.46
C ASN A 238 -14.56 23.06 19.08
N ARG A 239 -13.49 22.26 19.02
CA ARG A 239 -13.17 21.55 17.79
C ARG A 239 -14.35 20.70 17.33
N ASP A 240 -14.48 20.55 16.02
CA ASP A 240 -15.64 19.85 15.47
C ASP A 240 -15.32 19.09 14.19
N GLY A 241 -14.06 18.70 14.00
CA GLY A 241 -13.71 17.96 12.81
C GLY A 241 -12.47 18.48 12.12
N PHE A 242 -11.94 17.71 11.18
CA PHE A 242 -10.72 18.13 10.50
C PHE A 242 -11.00 19.07 9.32
N VAL A 243 -9.96 19.80 8.91
CA VAL A 243 -10.03 20.61 7.70
C VAL A 243 -9.13 19.92 6.69
N MET A 244 -9.69 19.60 5.53
N MET A 244 -9.69 19.60 5.53
CA MET A 244 -8.95 18.80 4.56
CA MET A 244 -8.97 18.80 4.55
C MET A 244 -7.93 19.64 3.81
C MET A 244 -7.93 19.65 3.81
N GLY A 245 -6.75 19.06 3.59
CA GLY A 245 -5.68 19.72 2.89
C GLY A 245 -5.13 18.83 1.78
N GLU A 246 -4.08 19.31 1.12
CA GLU A 246 -3.48 18.56 0.02
C GLU A 246 -1.98 18.85 -0.01
N GLY A 247 -1.22 17.97 -0.66
CA GLY A 247 0.20 18.23 -0.89
C GLY A 247 1.02 16.96 -0.84
N ALA A 248 2.33 17.09 -0.66
CA ALA A 248 3.20 15.92 -0.52
C ALA A 248 4.40 16.26 0.34
N GLY A 249 4.84 15.29 1.15
CA GLY A 249 6.02 15.44 1.96
C GLY A 249 6.91 14.24 1.69
N ILE A 250 8.08 14.49 1.11
CA ILE A 250 8.98 13.42 0.66
C ILE A 250 10.35 13.65 1.27
N ILE A 251 10.96 12.59 1.79
CA ILE A 251 12.32 12.70 2.29
C ILE A 251 13.22 11.66 1.66
N VAL A 252 14.52 11.95 1.65
CA VAL A 252 15.51 10.98 1.24
C VAL A 252 16.11 10.34 2.50
N LEU A 253 15.89 9.05 2.68
CA LEU A 253 16.56 8.29 3.73
C LEU A 253 17.77 7.62 3.09
N GLU A 254 18.85 7.52 3.85
CA GLU A 254 20.09 7.01 3.31
C GLU A 254 20.87 6.24 4.37
N GLU A 255 21.49 5.14 3.97
CA GLU A 255 22.36 4.40 4.87
C GLU A 255 23.53 5.32 5.26
N LEU A 256 23.92 5.25 6.54
CA LEU A 256 24.87 6.23 7.10
C LEU A 256 26.23 6.28 6.42
N GLU A 257 26.87 5.12 6.23
CA GLU A 257 28.20 5.12 5.64
C GLU A 257 28.16 5.64 4.21
N HIS A 258 27.07 5.31 3.51
CA HIS A 258 26.84 5.75 2.14
C HIS A 258 26.74 7.27 2.09
N ALA A 259 26.02 7.83 3.06
CA ALA A 259 25.87 9.28 3.22
C ALA A 259 27.21 9.95 3.51
N LEU A 260 27.97 9.39 4.45
CA LEU A 260 29.25 9.97 4.84
C LEU A 260 30.25 9.97 3.70
N ALA A 261 30.26 8.87 2.94
CA ALA A 261 31.24 8.68 1.87
C ALA A 261 31.08 9.67 0.73
N ARG A 262 29.87 10.21 0.55
CA ARG A 262 29.65 11.19 -0.50
C ARG A 262 29.58 12.63 0.01
N GLY A 263 29.81 12.81 1.31
CA GLY A 263 29.76 14.12 1.93
C GLY A 263 28.36 14.70 1.99
N ALA A 264 27.37 13.82 2.21
CA ALA A 264 25.97 14.25 2.27
C ALA A 264 25.73 15.13 3.48
N LYS A 265 24.81 16.08 3.37
CA LYS A 265 24.38 16.79 4.58
C LYS A 265 23.35 15.93 5.29
N ILE A 266 23.37 15.97 6.62
CA ILE A 266 22.51 15.11 7.42
C ILE A 266 21.63 15.97 8.32
N TYR A 267 20.33 15.81 8.19
CA TYR A 267 19.37 16.56 8.99
C TYR A 267 19.16 15.90 10.33
N GLY A 268 19.22 14.57 10.33
CA GLY A 268 18.91 13.80 11.52
C GLY A 268 18.88 12.32 11.20
N GLU A 269 18.55 11.53 12.21
CA GLU A 269 18.55 10.08 12.07
C GLU A 269 17.16 9.55 12.41
N ILE A 270 16.72 8.54 11.67
CA ILE A 270 15.47 7.86 12.01
C ILE A 270 15.87 6.64 12.83
N VAL A 271 15.21 6.44 13.97
CA VAL A 271 15.66 5.42 14.91
C VAL A 271 14.55 4.48 15.39
N GLY A 272 13.29 4.84 15.18
CA GLY A 272 12.22 4.01 15.70
C GLY A 272 10.95 4.07 14.86
N TYR A 273 10.25 2.93 14.78
CA TYR A 273 9.04 2.82 13.97
C TYR A 273 8.12 1.82 14.67
N GLY A 274 6.86 2.21 14.83
CA GLY A 274 5.89 1.34 15.47
C GLY A 274 4.62 1.27 14.65
N SER A 275 4.08 0.06 14.49
CA SER A 275 2.85 -0.13 13.74
C SER A 275 1.95 -1.12 14.48
N THR A 276 0.74 -0.68 14.81
CA THR A 276 -0.24 -1.57 15.44
C THR A 276 -1.62 -1.39 14.84
N GLY A 277 -2.54 -2.28 15.18
CA GLY A 277 -3.93 -2.14 14.76
C GLY A 277 -4.86 -2.19 15.96
N ASP A 278 -5.90 -1.36 15.96
CA ASP A 278 -6.88 -1.35 17.04
C ASP A 278 -7.72 -2.62 17.04
N ALA A 279 -7.98 -3.15 15.84
CA ALA A 279 -8.91 -4.27 15.66
C ALA A 279 -10.23 -4.01 16.38
N TYR A 280 -10.73 -2.78 16.21
CA TYR A 280 -11.92 -2.34 16.95
C TYR A 280 -13.08 -1.95 16.02
N HIS A 281 -12.88 -0.91 15.22
CA HIS A 281 -13.97 -0.31 14.45
C HIS A 281 -13.40 0.29 13.16
N ILE A 282 -14.21 0.35 12.10
CA ILE A 282 -13.75 0.80 10.80
C ILE A 282 -13.25 2.25 10.77
N THR A 283 -13.80 3.09 11.64
CA THR A 283 -13.44 4.52 11.61
C THR A 283 -13.16 5.10 12.98
N ALA A 284 -13.79 4.54 14.02
CA ALA A 284 -13.67 5.05 15.37
C ALA A 284 -12.45 4.46 16.07
N PRO A 285 -11.64 5.32 16.69
CA PRO A 285 -10.46 4.87 17.44
C PRO A 285 -10.83 4.05 18.66
N ALA A 286 -9.98 3.11 19.02
CA ALA A 286 -10.16 2.32 20.24
C ALA A 286 -10.21 3.21 21.47
N GLN A 287 -10.97 2.76 22.45
CA GLN A 287 -11.14 3.49 23.71
C GLN A 287 -9.79 3.81 24.34
N ASP A 288 -9.66 5.06 24.79
CA ASP A 288 -8.47 5.54 25.48
C ASP A 288 -7.24 5.61 24.58
N GLY A 289 -7.46 5.44 23.28
CA GLY A 289 -6.36 5.42 22.32
C GLY A 289 -5.34 4.33 22.56
N GLU A 290 -5.80 3.18 23.08
CA GLU A 290 -4.91 2.10 23.49
C GLU A 290 -3.98 1.60 22.37
N GLY A 291 -4.50 1.54 21.15
CA GLY A 291 -3.74 1.07 20.00
C GLY A 291 -2.63 2.03 19.66
N GLY A 292 -2.94 3.33 19.69
CA GLY A 292 -1.94 4.37 19.49
C GLY A 292 -0.87 4.35 20.58
N ALA A 293 -1.29 4.09 21.82
CA ALA A 293 -0.33 3.94 22.89
C ALA A 293 0.63 2.78 22.57
N ARG A 294 0.08 1.66 22.11
CA ARG A 294 0.92 0.50 21.77
C ARG A 294 1.91 0.81 20.62
N ALA A 295 1.47 1.57 19.62
CA ALA A 295 2.34 1.93 18.51
C ALA A 295 3.49 2.82 18.99
N MET A 296 3.18 3.78 19.86
CA MET A 296 4.23 4.63 20.43
C MET A 296 5.23 3.80 21.23
N GLN A 297 4.71 2.85 22.02
CA GLN A 297 5.57 1.98 22.80
C GLN A 297 6.46 1.10 21.93
N GLU A 298 5.93 0.64 20.80
CA GLU A 298 6.70 -0.18 19.87
C GLU A 298 7.83 0.66 19.25
N ALA A 299 7.52 1.90 18.87
CA ALA A 299 8.52 2.79 18.30
C ALA A 299 9.62 3.08 19.32
N ILE A 300 9.22 3.26 20.58
CA ILE A 300 10.17 3.55 21.65
C ILE A 300 11.10 2.36 21.88
N LYS A 301 10.53 1.16 21.92
CA LYS A 301 11.33 -0.05 22.07
C LYS A 301 12.26 -0.24 20.87
N ASP A 302 11.77 0.09 19.68
CA ASP A 302 12.55 -0.01 18.44
C ASP A 302 13.78 0.90 18.51
N ALA A 303 13.59 2.10 19.06
CA ALA A 303 14.69 3.07 19.17
C ALA A 303 15.62 2.79 20.34
N GLY A 304 15.21 1.88 21.21
CA GLY A 304 16.03 1.46 22.34
C GLY A 304 16.19 2.54 23.40
N ILE A 305 15.18 3.40 23.54
CA ILE A 305 15.24 4.50 24.49
C ILE A 305 14.22 4.34 25.59
N ALA A 306 14.33 5.19 26.61
CA ALA A 306 13.28 5.32 27.62
C ALA A 306 12.31 6.40 27.15
N PRO A 307 11.02 6.29 27.52
CA PRO A 307 10.01 7.25 27.09
C PRO A 307 10.38 8.70 27.47
N GLU A 308 11.09 8.85 28.59
CA GLU A 308 11.50 10.17 29.09
C GLU A 308 12.48 10.89 28.17
N GLU A 309 13.07 10.16 27.22
CA GLU A 309 14.02 10.76 26.31
C GLU A 309 13.32 11.53 25.17
N ILE A 310 12.02 11.30 25.01
CA ILE A 310 11.25 12.04 24.01
C ILE A 310 11.03 13.48 24.45
N ASP A 311 11.42 14.43 23.60
CA ASP A 311 11.36 15.85 23.95
C ASP A 311 10.10 16.52 23.38
N TYR A 312 9.66 16.06 22.23
CA TYR A 312 8.58 16.71 21.51
C TYR A 312 7.80 15.67 20.72
N ILE A 313 6.47 15.73 20.81
CA ILE A 313 5.60 14.88 20.03
C ILE A 313 4.85 15.71 18.99
N ASN A 314 5.09 15.43 17.71
CA ASN A 314 4.26 16.01 16.67
C ASN A 314 3.02 15.10 16.58
N ALA A 315 1.92 15.58 17.15
CA ALA A 315 0.72 14.77 17.30
C ALA A 315 0.04 14.52 15.95
N HIS A 316 -0.81 13.49 15.90
CA HIS A 316 -1.70 13.36 14.76
C HIS A 316 -2.66 14.55 14.78
N GLY A 317 -3.28 14.78 15.95
CA GLY A 317 -3.98 16.02 16.25
C GLY A 317 -4.85 16.59 15.15
N THR A 318 -5.87 15.84 14.75
CA THR A 318 -6.67 16.21 13.57
C THR A 318 -7.73 17.29 13.80
N SER A 319 -8.02 17.62 15.06
CA SER A 319 -9.09 18.54 15.45
C SER A 319 -10.48 17.88 15.42
N THR A 320 -10.50 16.56 15.43
CA THR A 320 -11.78 15.88 15.71
C THR A 320 -11.92 15.70 17.21
N TYR A 321 -13.16 15.55 17.67
CA TYR A 321 -13.41 15.31 19.08
C TYR A 321 -12.68 14.08 19.61
N TYR A 322 -12.90 12.92 18.98
CA TYR A 322 -12.33 11.68 19.49
C TYR A 322 -10.81 11.63 19.37
N ASN A 323 -10.27 12.05 18.24
CA ASN A 323 -8.83 11.90 18.04
C ASN A 323 -8.02 12.61 19.11
N ASP A 324 -8.32 13.88 19.33
CA ASP A 324 -7.45 14.71 20.16
C ASP A 324 -7.55 14.28 21.62
N LYS A 325 -8.75 13.83 22.00
CA LYS A 325 -8.98 13.33 23.36
C LYS A 325 -8.24 12.01 23.57
N TYR A 326 -8.41 11.10 22.63
CA TYR A 326 -7.80 9.78 22.76
C TYR A 326 -6.29 9.82 22.58
N GLU A 327 -5.80 10.70 21.71
CA GLU A 327 -4.35 10.83 21.55
C GLU A 327 -3.73 11.36 22.84
N THR A 328 -4.40 12.32 23.48
CA THR A 328 -3.96 12.80 24.80
C THR A 328 -3.90 11.65 25.81
N MET A 329 -4.94 10.82 25.85
CA MET A 329 -4.95 9.68 26.77
C MET A 329 -3.79 8.71 26.47
N ALA A 330 -3.54 8.47 25.20
CA ALA A 330 -2.49 7.55 24.79
C ALA A 330 -1.13 8.07 25.24
N ILE A 331 -0.91 9.37 25.08
CA ILE A 331 0.35 9.99 25.51
C ILE A 331 0.56 9.84 27.02
N LYS A 332 -0.49 10.06 27.79
CA LYS A 332 -0.40 9.88 29.23
C LYS A 332 -0.09 8.44 29.61
N THR A 333 -0.71 7.50 28.89
CA THR A 333 -0.51 6.08 29.16
C THR A 333 0.95 5.71 28.94
N VAL A 334 1.50 6.15 27.81
CA VAL A 334 2.87 5.82 27.43
C VAL A 334 3.91 6.54 28.30
N PHE A 335 3.69 7.84 28.54
CA PHE A 335 4.74 8.66 29.16
C PHE A 335 4.56 8.94 30.66
N GLY A 336 3.40 8.63 31.22
CA GLY A 336 3.16 8.83 32.64
C GLY A 336 3.35 10.27 33.06
N GLU A 337 4.16 10.49 34.10
CA GLU A 337 4.43 11.84 34.57
C GLU A 337 5.16 12.67 33.53
N HIS A 338 5.92 12.00 32.64
CA HIS A 338 6.68 12.69 31.61
C HIS A 338 5.74 13.31 30.59
N ALA A 339 4.51 12.80 30.52
CA ALA A 339 3.53 13.34 29.58
C ALA A 339 3.28 14.84 29.80
N HIS A 340 3.46 15.29 31.04
CA HIS A 340 3.31 16.70 31.37
C HIS A 340 4.61 17.50 31.28
N LYS A 341 5.70 16.83 30.93
CA LYS A 341 7.00 17.50 30.87
C LYS A 341 7.41 17.73 29.42
N LEU A 342 7.06 16.81 28.54
CA LEU A 342 7.40 17.00 27.13
C LEU A 342 6.45 18.00 26.48
N ALA A 343 6.77 18.40 25.25
CA ALA A 343 5.94 19.29 24.45
C ALA A 343 5.20 18.47 23.40
N VAL A 344 3.95 18.85 23.12
CA VAL A 344 3.16 18.21 22.07
C VAL A 344 2.67 19.34 21.19
N SER A 345 2.59 19.14 19.88
CA SER A 345 1.87 20.13 19.08
C SER A 345 1.27 19.48 17.86
N SER A 346 0.20 20.07 17.36
CA SER A 346 -0.37 19.63 16.10
C SER A 346 -0.20 20.71 15.06
N THR A 347 0.60 20.41 14.04
CA THR A 347 0.81 21.37 12.97
C THR A 347 -0.36 21.30 11.97
N LYS A 348 -1.29 20.38 12.17
CA LYS A 348 -2.54 20.40 11.38
C LYS A 348 -3.38 21.65 11.70
N SER A 349 -3.07 22.30 12.82
CA SER A 349 -3.68 23.58 13.14
C SER A 349 -3.39 24.59 12.04
N MET A 350 -2.27 24.40 11.36
CA MET A 350 -1.82 25.31 10.30
C MET A 350 -1.93 24.74 8.90
N THR A 351 -1.59 23.46 8.74
CA THR A 351 -1.55 22.86 7.40
C THR A 351 -2.87 22.24 7.00
N GLY A 352 -3.78 22.03 7.96
CA GLY A 352 -4.93 21.17 7.72
C GLY A 352 -4.47 19.73 7.68
N HIS A 353 -5.38 18.83 7.34
CA HIS A 353 -5.11 17.41 7.39
C HIS A 353 -4.85 16.91 5.96
N LEU A 354 -3.59 16.59 5.68
CA LEU A 354 -3.21 16.18 4.32
C LEU A 354 -3.47 14.70 4.06
N LEU A 355 -4.18 14.06 4.99
CA LEU A 355 -4.55 12.65 4.83
C LEU A 355 -3.32 11.76 4.61
N GLY A 356 -3.24 11.05 3.49
CA GLY A 356 -2.08 10.20 3.25
C GLY A 356 -0.73 10.93 3.20
N ALA A 357 -0.76 12.25 3.00
CA ALA A 357 0.48 13.02 2.98
C ALA A 357 0.82 13.63 4.35
N ALA A 358 -0.12 13.52 5.30
CA ALA A 358 0.11 14.13 6.62
C ALA A 358 1.41 13.62 7.26
N GLY A 359 1.60 12.30 7.29
CA GLY A 359 2.80 11.73 7.90
C GLY A 359 4.08 12.22 7.24
N GLY A 360 4.01 12.49 5.94
CA GLY A 360 5.17 12.97 5.22
C GLY A 360 5.57 14.39 5.61
N ILE A 361 4.63 15.33 5.56
CA ILE A 361 4.93 16.71 5.95
CA ILE A 361 4.98 16.70 5.94
C ILE A 361 5.28 16.79 7.43
N GLU A 362 4.63 15.96 8.25
CA GLU A 362 4.89 16.00 9.68
C GLU A 362 6.22 15.37 10.04
N ALA A 363 6.67 14.41 9.24
CA ALA A 363 8.04 13.90 9.39
C ALA A 363 9.04 15.01 9.08
N ILE A 364 8.81 15.73 7.99
CA ILE A 364 9.67 16.87 7.65
C ILE A 364 9.73 17.89 8.79
N PHE A 365 8.56 18.23 9.34
CA PHE A 365 8.54 19.21 10.44
C PHE A 365 9.28 18.68 11.67
N SER A 366 9.10 17.38 11.94
CA SER A 366 9.78 16.74 13.06
C SER A 366 11.28 16.77 12.88
N ILE A 367 11.74 16.49 11.66
CA ILE A 367 13.17 16.50 11.37
C ILE A 367 13.76 17.92 11.48
N LEU A 368 13.04 18.90 10.94
CA LEU A 368 13.54 20.28 11.00
C LEU A 368 13.47 20.87 12.41
N ALA A 369 12.54 20.37 13.20
CA ALA A 369 12.44 20.80 14.60
C ALA A 369 13.74 20.46 15.31
N ILE A 370 14.23 19.25 15.06
CA ILE A 370 15.51 18.82 15.62
C ILE A 370 16.68 19.62 15.02
N LYS A 371 16.72 19.70 13.69
CA LYS A 371 17.85 20.35 13.03
C LYS A 371 18.02 21.81 13.44
N GLU A 372 16.90 22.53 13.51
CA GLU A 372 16.94 23.96 13.79
C GLU A 372 16.66 24.33 15.26
N GLY A 373 16.28 23.34 16.06
CA GLY A 373 16.04 23.56 17.47
C GLY A 373 14.84 24.47 17.71
N VAL A 374 13.73 24.18 17.01
CA VAL A 374 12.50 24.95 17.14
C VAL A 374 11.28 24.04 17.12
N ILE A 375 10.42 24.21 18.12
CA ILE A 375 9.17 23.44 18.16
C ILE A 375 8.05 24.29 17.57
N PRO A 376 7.41 23.81 16.49
CA PRO A 376 6.30 24.59 15.91
C PRO A 376 5.07 24.50 16.81
N PRO A 377 4.23 25.54 16.81
CA PRO A 377 3.12 25.61 17.77
C PRO A 377 1.85 24.93 17.30
N THR A 378 0.91 24.72 18.22
CA THR A 378 -0.47 24.46 17.80
C THR A 378 -1.14 25.82 17.86
N ILE A 379 -1.71 26.29 16.74
CA ILE A 379 -2.46 27.54 16.77
C ILE A 379 -3.95 27.30 17.02
N ASN A 380 -4.65 28.38 17.37
CA ASN A 380 -6.12 28.42 17.43
C ASN A 380 -6.75 27.81 18.68
N ILE A 381 -5.95 27.49 19.69
CA ILE A 381 -6.54 27.01 20.94
C ILE A 381 -6.99 28.20 21.76
N GLN A 382 -8.29 28.44 21.81
CA GLN A 382 -8.81 29.58 22.55
C GLN A 382 -9.63 29.17 23.76
N THR A 383 -10.16 27.96 23.72
CA THR A 383 -10.96 27.45 24.83
C THR A 383 -10.38 26.12 25.28
N PRO A 384 -9.63 26.13 26.38
CA PRO A 384 -9.06 24.88 26.91
C PRO A 384 -10.13 23.83 27.20
N ASP A 385 -9.79 22.60 26.86
CA ASP A 385 -10.62 21.43 27.13
C ASP A 385 -10.01 20.69 28.31
N GLU A 386 -10.80 20.42 29.35
CA GLU A 386 -10.31 19.72 30.54
C GLU A 386 -9.74 18.34 30.22
N GLU A 387 -10.22 17.73 29.13
CA GLU A 387 -9.76 16.41 28.72
C GLU A 387 -8.48 16.46 27.90
N CYS A 388 -8.13 17.65 27.41
CA CYS A 388 -6.90 17.82 26.63
C CYS A 388 -6.05 18.85 27.35
N ASP A 389 -5.31 18.37 28.35
CA ASP A 389 -4.63 19.26 29.30
C ASP A 389 -3.11 19.17 29.28
N LEU A 390 -2.55 18.68 28.18
CA LEU A 390 -1.10 18.64 28.03
C LEU A 390 -0.59 20.00 27.53
N ASP A 391 0.72 20.11 27.33
CA ASP A 391 1.32 21.35 26.85
C ASP A 391 1.35 21.27 25.32
N TYR A 392 0.42 21.96 24.66
CA TYR A 392 0.30 21.88 23.21
C TYR A 392 1.07 22.97 22.47
N VAL A 393 2.02 23.60 23.16
CA VAL A 393 2.82 24.68 22.59
C VAL A 393 1.91 25.70 21.89
N PRO A 394 0.99 26.30 22.65
CA PRO A 394 0.01 27.17 21.99
C PRO A 394 0.61 28.46 21.40
N ASP A 395 0.18 28.77 20.17
CA ASP A 395 0.31 30.09 19.54
C ASP A 395 1.70 30.42 18.99
N GLU A 396 2.73 30.13 19.78
CA GLU A 396 4.07 30.61 19.50
C GLU A 396 5.09 29.47 19.51
N ALA A 397 5.96 29.43 18.50
CA ALA A 397 7.03 28.43 18.44
C ALA A 397 8.00 28.57 19.62
N ARG A 398 8.61 27.46 20.00
CA ARG A 398 9.58 27.45 21.10
C ARG A 398 10.97 27.09 20.61
N ARG A 399 11.93 27.96 20.86
CA ARG A 399 13.33 27.65 20.57
C ARG A 399 13.83 26.75 21.69
N GLN A 400 14.29 25.56 21.33
CA GLN A 400 14.69 24.56 22.30
C GLN A 400 15.55 23.50 21.62
N GLU A 401 16.61 23.07 22.27
CA GLU A 401 17.44 22.00 21.74
C GLU A 401 16.70 20.67 21.90
N LEU A 402 16.49 19.98 20.78
CA LEU A 402 15.75 18.72 20.80
C LEU A 402 16.68 17.55 20.50
N ASN A 403 16.54 16.46 21.25
CA ASN A 403 17.29 15.24 20.99
C ASN A 403 16.45 14.17 20.30
N TYR A 404 15.19 14.03 20.73
CA TYR A 404 14.29 13.02 20.18
C TYR A 404 12.91 13.60 19.90
N VAL A 405 12.36 13.29 18.73
CA VAL A 405 11.01 13.72 18.40
C VAL A 405 10.22 12.51 17.92
N LEU A 406 8.98 12.42 18.39
CA LEU A 406 8.06 11.36 18.00
C LEU A 406 6.94 11.96 17.16
N SER A 407 6.58 11.29 16.08
CA SER A 407 5.44 11.73 15.25
C SER A 407 4.42 10.62 15.10
N ASN A 408 3.16 10.92 15.40
CA ASN A 408 2.05 9.94 15.29
C ASN A 408 1.17 10.17 14.08
N SER A 409 0.66 9.07 13.51
CA SER A 409 -0.42 9.11 12.53
C SER A 409 -1.37 7.95 12.84
N LEU A 410 -2.65 8.16 12.67
CA LEU A 410 -3.63 7.12 12.91
C LEU A 410 -4.51 7.15 11.67
N GLY A 411 -5.22 6.07 11.37
CA GLY A 411 -6.11 6.11 10.22
C GLY A 411 -7.32 5.22 10.39
N PHE A 412 -8.32 5.41 9.52
CA PHE A 412 -9.44 4.47 9.41
C PHE A 412 -8.91 3.05 9.31
N GLY A 413 -9.70 2.06 9.71
CA GLY A 413 -9.21 0.70 9.68
C GLY A 413 -8.34 0.38 10.89
N GLY A 414 -8.27 1.34 11.83
CA GLY A 414 -7.58 1.11 13.08
C GLY A 414 -6.05 1.15 12.97
N HIS A 415 -5.54 1.77 11.92
CA HIS A 415 -4.08 1.83 11.72
C HIS A 415 -3.46 2.82 12.72
N ASN A 416 -2.42 2.40 13.44
CA ASN A 416 -1.65 3.30 14.26
C ASN A 416 -0.19 3.24 13.84
N ALA A 417 0.42 4.39 13.57
CA ALA A 417 1.79 4.40 13.10
C ALA A 417 2.57 5.51 13.81
N THR A 418 3.79 5.19 14.23
CA THR A 418 4.64 6.15 14.95
C THR A 418 6.08 6.09 14.45
N LEU A 419 6.72 7.26 14.30
CA LEU A 419 8.13 7.34 13.96
C LEU A 419 8.87 8.11 15.06
N ILE A 420 10.10 7.71 15.33
CA ILE A 420 10.97 8.48 16.21
C ILE A 420 12.22 8.91 15.46
N PHE A 421 12.52 10.20 15.57
CA PHE A 421 13.69 10.82 14.94
C PHE A 421 14.63 11.28 16.03
N LYS A 422 15.92 11.30 15.70
CA LYS A 422 16.94 11.67 16.68
C LYS A 422 17.92 12.66 16.06
N LYS A 423 18.46 13.53 16.90
CA LYS A 423 19.54 14.42 16.46
C LYS A 423 20.72 13.59 16.03
N TYR A 424 21.32 13.92 14.90
CA TYR A 424 22.41 13.10 14.41
C TYR A 424 23.72 13.38 15.18
N GLN A 425 24.26 12.33 15.79
CA GLN A 425 25.58 12.38 16.41
C GLN A 425 26.44 11.27 15.82
N SER A 426 27.71 11.58 15.59
CA SER A 426 28.65 10.63 14.97
C SER A 426 28.70 9.29 15.71
N ILE B 12 21.74 -3.38 18.24
CA ILE B 12 22.22 -3.12 16.89
C ILE B 12 22.24 -4.41 16.06
N GLN B 13 21.84 -5.51 16.69
CA GLN B 13 21.79 -6.78 16.00
C GLN B 13 20.55 -6.84 15.11
N MET B 14 20.73 -7.35 13.90
CA MET B 14 19.61 -7.57 12.99
C MET B 14 19.05 -8.98 13.22
N THR B 15 17.83 -9.05 13.71
CA THR B 15 17.15 -10.32 13.96
C THR B 15 16.81 -11.01 12.65
N LYS B 16 16.99 -12.33 12.59
CA LYS B 16 16.59 -13.10 11.43
C LYS B 16 15.87 -14.40 11.79
N LYS B 17 14.55 -14.32 11.88
CA LYS B 17 13.75 -15.48 12.23
C LYS B 17 13.40 -16.27 10.99
N ARG B 18 13.09 -17.55 11.17
CA ARG B 18 12.58 -18.34 10.07
C ARG B 18 11.06 -18.19 10.01
N VAL B 19 10.54 -18.17 8.79
CA VAL B 19 9.12 -17.88 8.58
C VAL B 19 8.47 -18.98 7.77
N VAL B 20 7.47 -19.63 8.33
CA VAL B 20 6.82 -20.74 7.63
C VAL B 20 5.36 -20.46 7.32
N VAL B 21 4.75 -21.27 6.45
CA VAL B 21 3.36 -21.08 6.06
C VAL B 21 2.49 -22.09 6.80
N THR B 22 1.52 -21.62 7.57
CA THR B 22 0.74 -22.52 8.41
C THR B 22 -0.75 -22.57 8.08
N GLY B 23 -1.19 -21.74 7.13
CA GLY B 23 -2.59 -21.70 6.74
C GLY B 23 -2.80 -21.09 5.37
N LEU B 24 -3.79 -21.60 4.63
CA LEU B 24 -4.12 -21.08 3.29
C LEU B 24 -5.62 -20.83 3.20
N GLY B 25 -6.02 -19.78 2.51
CA GLY B 25 -7.44 -19.50 2.30
C GLY B 25 -7.60 -18.80 0.96
N ALA B 26 -8.64 -19.15 0.21
CA ALA B 26 -8.78 -18.57 -1.13
C ALA B 26 -10.21 -18.55 -1.67
N LEU B 27 -10.50 -17.53 -2.47
CA LEU B 27 -11.64 -17.54 -3.37
C LEU B 27 -11.05 -17.25 -4.74
N SER B 28 -11.35 -18.08 -5.72
CA SER B 28 -10.83 -17.85 -7.07
C SER B 28 -11.84 -18.32 -8.10
N PRO B 29 -11.62 -17.98 -9.38
CA PRO B 29 -12.51 -18.49 -10.42
C PRO B 29 -12.45 -20.03 -10.56
N LEU B 30 -11.54 -20.66 -9.83
CA LEU B 30 -11.44 -22.13 -9.83
C LEU B 30 -12.07 -22.76 -8.59
N GLY B 31 -12.67 -21.95 -7.72
CA GLY B 31 -13.34 -22.52 -6.56
C GLY B 31 -13.37 -21.58 -5.36
N ASN B 32 -14.31 -21.82 -4.46
CA ASN B 32 -14.52 -20.92 -3.33
C ASN B 32 -13.81 -21.41 -2.07
N ASP B 33 -12.84 -22.30 -2.27
CA ASP B 33 -11.86 -22.61 -1.23
C ASP B 33 -10.57 -23.10 -1.88
N VAL B 34 -9.56 -23.34 -1.06
CA VAL B 34 -8.25 -23.78 -1.54
C VAL B 34 -8.30 -25.18 -2.16
N ASP B 35 -8.97 -26.12 -1.48
CA ASP B 35 -9.00 -27.50 -2.00
C ASP B 35 -9.61 -27.56 -3.39
N THR B 36 -10.72 -26.85 -3.59
CA THR B 36 -11.38 -26.84 -4.89
C THR B 36 -10.51 -26.13 -5.95
N SER B 37 -10.00 -24.96 -5.60
CA SER B 37 -9.15 -24.20 -6.52
C SER B 37 -7.93 -25.02 -6.95
N TRP B 38 -7.25 -25.60 -5.97
CA TRP B 38 -6.06 -26.43 -6.22
C TRP B 38 -6.34 -27.67 -7.07
N ASN B 39 -7.37 -28.43 -6.72
N ASN B 39 -7.38 -28.41 -6.71
CA ASN B 39 -7.66 -29.64 -7.47
CA ASN B 39 -7.72 -29.62 -7.44
C ASN B 39 -8.06 -29.32 -8.92
C ASN B 39 -8.06 -29.31 -8.90
N ASN B 40 -8.76 -28.21 -9.12
CA ASN B 40 -9.08 -27.78 -10.48
C ASN B 40 -7.84 -27.36 -11.25
N ALA B 41 -6.95 -26.62 -10.60
CA ALA B 41 -5.69 -26.21 -11.21
C ALA B 41 -4.83 -27.39 -11.68
N ILE B 42 -4.66 -28.40 -10.84
CA ILE B 42 -3.84 -29.56 -11.23
C ILE B 42 -4.57 -30.48 -12.21
N ASN B 43 -5.86 -30.23 -12.44
CA ASN B 43 -6.60 -30.97 -13.46
C ASN B 43 -6.81 -30.13 -14.73
N GLY B 44 -6.15 -28.97 -14.81
CA GLY B 44 -6.15 -28.19 -16.03
C GLY B 44 -7.50 -27.58 -16.36
N VAL B 45 -8.29 -27.30 -15.33
CA VAL B 45 -9.64 -26.78 -15.49
C VAL B 45 -9.61 -25.27 -15.71
N SER B 46 -10.38 -24.80 -16.69
CA SER B 46 -10.45 -23.36 -16.96
C SER B 46 -11.56 -22.69 -16.16
N GLY B 47 -11.26 -21.53 -15.59
CA GLY B 47 -12.24 -20.76 -14.85
C GLY B 47 -12.77 -19.58 -15.64
N ILE B 48 -12.50 -19.58 -16.94
CA ILE B 48 -12.86 -18.47 -17.81
C ILE B 48 -14.15 -18.75 -18.57
N GLY B 49 -15.03 -17.75 -18.63
CA GLY B 49 -16.26 -17.87 -19.40
C GLY B 49 -16.78 -16.50 -19.79
N PRO B 50 -18.01 -16.43 -20.30
CA PRO B 50 -18.61 -15.15 -20.69
C PRO B 50 -18.75 -14.23 -19.48
N ILE B 51 -18.60 -12.93 -19.71
CA ILE B 51 -18.78 -11.95 -18.65
C ILE B 51 -20.25 -11.92 -18.24
N THR B 52 -20.51 -12.05 -16.94
CA THR B 52 -21.88 -11.91 -16.43
C THR B 52 -22.02 -10.75 -15.43
N ARG B 53 -20.89 -10.33 -14.83
CA ARG B 53 -20.94 -9.35 -13.75
C ARG B 53 -21.44 -7.99 -14.24
N VAL B 54 -21.07 -7.65 -15.47
CA VAL B 54 -21.58 -6.44 -16.11
C VAL B 54 -22.06 -6.81 -17.51
N ASP B 55 -22.83 -5.91 -18.14
CA ASP B 55 -23.23 -6.13 -19.53
C ASP B 55 -22.09 -5.76 -20.45
N ALA B 56 -21.57 -6.74 -21.19
CA ALA B 56 -20.35 -6.55 -21.95
C ALA B 56 -20.58 -6.14 -23.41
N GLU B 57 -21.82 -5.89 -23.79
CA GLU B 57 -22.12 -5.48 -25.17
C GLU B 57 -21.32 -4.25 -25.61
N GLU B 58 -21.00 -3.35 -24.69
CA GLU B 58 -20.27 -2.14 -25.09
C GLU B 58 -18.76 -2.23 -24.91
N TYR B 59 -18.26 -3.40 -24.51
CA TYR B 59 -16.81 -3.60 -24.44
C TYR B 59 -16.33 -4.56 -25.52
N PRO B 60 -15.11 -4.35 -26.01
CA PRO B 60 -14.46 -5.27 -26.94
C PRO B 60 -14.06 -6.60 -26.27
N ALA B 61 -13.88 -6.60 -24.95
CA ALA B 61 -13.60 -7.85 -24.23
C ALA B 61 -14.92 -8.56 -23.90
N LYS B 62 -14.96 -9.89 -24.07
CA LYS B 62 -16.19 -10.65 -23.90
C LYS B 62 -16.12 -11.75 -22.85
N VAL B 63 -14.92 -12.02 -22.32
CA VAL B 63 -14.77 -13.09 -21.34
C VAL B 63 -14.10 -12.59 -20.07
N ALA B 64 -14.29 -13.33 -18.98
CA ALA B 64 -13.68 -12.99 -17.70
C ALA B 64 -13.61 -14.24 -16.87
N ALA B 65 -12.90 -14.16 -15.75
CA ALA B 65 -12.82 -15.28 -14.82
C ALA B 65 -13.50 -14.85 -13.53
N GLU B 66 -14.74 -15.30 -13.35
CA GLU B 66 -15.55 -14.87 -12.20
C GLU B 66 -15.61 -15.96 -11.16
N LEU B 67 -15.85 -15.57 -9.90
CA LEU B 67 -16.19 -16.57 -8.90
C LEU B 67 -17.46 -17.28 -9.34
N LYS B 68 -17.56 -18.57 -9.02
CA LYS B 68 -18.71 -19.36 -9.40
C LYS B 68 -19.55 -19.64 -8.17
N ASP B 69 -20.83 -19.28 -8.22
CA ASP B 69 -21.77 -19.58 -7.15
C ASP B 69 -21.29 -19.09 -5.79
N PHE B 70 -20.69 -17.91 -5.77
CA PHE B 70 -20.28 -17.30 -4.51
C PHE B 70 -21.41 -16.42 -3.99
N ASN B 71 -22.01 -16.86 -2.90
CA ASN B 71 -23.05 -16.08 -2.23
C ASN B 71 -22.50 -15.63 -0.88
N VAL B 72 -22.26 -14.34 -0.75
CA VAL B 72 -21.63 -13.83 0.46
C VAL B 72 -22.48 -14.11 1.70
N GLU B 73 -23.79 -14.23 1.50
CA GLU B 73 -24.70 -14.48 2.63
C GLU B 73 -24.53 -15.87 3.24
N ASP B 74 -23.74 -16.72 2.58
CA ASP B 74 -23.37 -18.02 3.13
C ASP B 74 -22.28 -17.88 4.18
N TYR B 75 -21.63 -16.71 4.23
CA TYR B 75 -20.49 -16.47 5.12
C TYR B 75 -20.75 -15.42 6.19
N MET B 76 -21.73 -14.56 5.93
CA MET B 76 -22.04 -13.49 6.87
C MET B 76 -23.47 -13.03 6.64
N ASP B 77 -24.02 -12.28 7.59
CA ASP B 77 -25.34 -11.71 7.42
C ASP B 77 -25.33 -10.68 6.30
N LYS B 78 -26.45 -10.58 5.60
CA LYS B 78 -26.61 -9.62 4.53
C LYS B 78 -26.25 -8.21 5.01
N LYS B 79 -26.69 -7.87 6.22
CA LYS B 79 -26.44 -6.54 6.76
C LYS B 79 -24.95 -6.21 6.87
N GLU B 80 -24.12 -7.23 7.14
CA GLU B 80 -22.67 -7.04 7.22
C GLU B 80 -22.08 -6.92 5.83
N ALA B 81 -22.56 -7.77 4.92
CA ALA B 81 -22.07 -7.75 3.54
C ALA B 81 -22.36 -6.41 2.86
N ARG B 82 -23.49 -5.80 3.20
CA ARG B 82 -23.86 -4.54 2.57
C ARG B 82 -22.98 -3.37 3.01
N LYS B 83 -22.09 -3.63 3.97
CA LYS B 83 -21.14 -2.61 4.44
C LYS B 83 -19.73 -2.94 4.00
N MET B 84 -19.61 -3.87 3.05
CA MET B 84 -18.32 -4.25 2.48
C MET B 84 -18.41 -4.26 0.96
N ASP B 85 -17.43 -3.64 0.31
CA ASP B 85 -17.27 -3.81 -1.13
C ASP B 85 -16.89 -5.27 -1.37
N ARG B 86 -17.18 -5.80 -2.55
CA ARG B 86 -16.76 -7.17 -2.86
C ARG B 86 -15.28 -7.44 -2.54
N PHE B 87 -14.37 -6.47 -2.76
CA PHE B 87 -12.95 -6.77 -2.54
C PHE B 87 -12.71 -7.08 -1.06
N THR B 88 -13.45 -6.40 -0.18
CA THR B 88 -13.37 -6.64 1.25
C THR B 88 -14.06 -7.94 1.66
N GLN B 89 -15.23 -8.20 1.08
CA GLN B 89 -15.91 -9.50 1.28
C GLN B 89 -14.95 -10.64 0.99
N TYR B 90 -14.25 -10.57 -0.15
CA TYR B 90 -13.40 -11.69 -0.53
C TYR B 90 -12.25 -11.85 0.46
N ALA B 91 -11.66 -10.72 0.84
CA ALA B 91 -10.54 -10.74 1.78
C ALA B 91 -10.94 -11.31 3.14
N VAL B 92 -12.09 -10.90 3.65
CA VAL B 92 -12.51 -11.38 4.97
C VAL B 92 -12.84 -12.88 4.93
N VAL B 93 -13.52 -13.32 3.88
CA VAL B 93 -13.86 -14.74 3.75
C VAL B 93 -12.61 -15.61 3.59
N ALA B 94 -11.72 -15.20 2.68
CA ALA B 94 -10.47 -15.91 2.49
C ALA B 94 -9.58 -15.92 3.74
N ALA B 95 -9.54 -14.80 4.47
CA ALA B 95 -8.68 -14.70 5.65
C ALA B 95 -9.19 -15.61 6.76
N LYS B 96 -10.51 -15.62 6.95
CA LYS B 96 -11.09 -16.52 7.95
C LYS B 96 -10.83 -17.97 7.60
N MET B 97 -10.87 -18.30 6.32
N MET B 97 -10.87 -18.30 6.32
CA MET B 97 -10.58 -19.66 5.89
CA MET B 97 -10.57 -19.66 5.89
C MET B 97 -9.12 -20.01 6.18
C MET B 97 -9.12 -20.00 6.19
N ALA B 98 -8.22 -19.05 5.96
CA ALA B 98 -6.79 -19.26 6.19
C ALA B 98 -6.49 -19.47 7.69
N VAL B 99 -7.11 -18.65 8.53
CA VAL B 99 -6.91 -18.78 9.97
C VAL B 99 -7.51 -20.08 10.53
N GLU B 100 -8.66 -20.49 9.99
CA GLU B 100 -9.26 -21.78 10.37
CA GLU B 100 -9.25 -21.77 10.38
C GLU B 100 -8.36 -22.93 9.93
N ASP B 101 -7.82 -22.82 8.72
CA ASP B 101 -6.91 -23.84 8.21
C ASP B 101 -5.67 -23.95 9.10
N ALA B 102 -5.18 -22.80 9.55
CA ALA B 102 -4.03 -22.74 10.45
C ALA B 102 -4.35 -23.22 11.87
N ASP B 103 -5.65 -23.36 12.16
CA ASP B 103 -6.11 -23.69 13.52
C ASP B 103 -5.57 -22.71 14.56
N LEU B 104 -5.49 -21.45 14.16
CA LEU B 104 -4.94 -20.40 15.00
C LEU B 104 -6.02 -19.76 15.85
N ASN B 105 -5.83 -19.84 17.17
CA ASN B 105 -6.71 -19.12 18.08
C ASN B 105 -6.01 -17.87 18.57
N ILE B 106 -6.55 -16.74 18.13
N ILE B 106 -6.55 -16.72 18.20
CA ILE B 106 -6.02 -15.44 18.49
CA ILE B 106 -5.90 -15.47 18.53
C ILE B 106 -6.75 -14.95 19.73
C ILE B 106 -6.32 -15.00 19.93
N THR B 107 -5.96 -14.67 20.75
N THR B 107 -5.55 -15.39 20.94
CA THR B 107 -6.49 -14.36 22.06
CA THR B 107 -5.88 -15.04 22.31
C THR B 107 -6.05 -12.95 22.40
C THR B 107 -5.40 -13.62 22.65
N ASP B 108 -6.49 -12.47 23.56
N ASP B 108 -6.20 -12.91 23.47
CA ASP B 108 -5.98 -11.21 24.08
CA ASP B 108 -5.88 -11.55 23.97
C ASP B 108 -4.46 -11.28 24.23
C ASP B 108 -4.38 -11.40 24.21
N GLU B 109 -3.95 -12.46 24.58
N GLU B 109 -3.80 -12.49 24.68
CA GLU B 109 -2.52 -12.63 24.86
CA GLU B 109 -2.37 -12.62 24.93
C GLU B 109 -1.58 -12.53 23.65
C GLU B 109 -1.49 -12.53 23.67
N ILE B 110 -1.94 -13.15 22.52
N ILE B 110 -1.90 -13.13 22.56
CA ILE B 110 -1.06 -13.10 21.36
CA ILE B 110 -1.05 -13.09 21.36
C ILE B 110 -1.51 -12.11 20.30
C ILE B 110 -1.51 -12.10 20.30
N ALA B 111 -2.67 -11.48 20.53
CA ALA B 111 -3.20 -10.47 19.61
C ALA B 111 -2.19 -9.41 19.15
N PRO B 112 -1.36 -8.86 20.08
CA PRO B 112 -0.43 -7.83 19.60
C PRO B 112 0.71 -8.37 18.73
N ARG B 113 0.85 -9.70 18.67
CA ARG B 113 1.88 -10.34 17.87
C ARG B 113 1.30 -10.93 16.60
N VAL B 114 0.01 -10.69 16.36
CA VAL B 114 -0.63 -11.17 15.12
C VAL B 114 -1.02 -9.96 14.29
N GLY B 115 -0.49 -9.88 13.09
CA GLY B 115 -0.75 -8.75 12.23
C GLY B 115 -1.40 -9.15 10.92
N VAL B 116 -1.69 -8.15 10.09
CA VAL B 116 -2.43 -8.36 8.85
C VAL B 116 -1.81 -7.45 7.80
N TRP B 117 -1.47 -8.01 6.65
CA TRP B 117 -0.89 -7.21 5.58
C TRP B 117 -1.47 -7.72 4.26
N VAL B 118 -2.64 -7.18 3.90
CA VAL B 118 -3.33 -7.64 2.70
C VAL B 118 -3.43 -6.46 1.75
N GLY B 119 -2.99 -6.62 0.50
CA GLY B 119 -3.06 -5.54 -0.46
C GLY B 119 -4.22 -5.72 -1.44
N SER B 120 -4.55 -4.65 -2.15
CA SER B 120 -5.52 -4.70 -3.24
C SER B 120 -5.03 -3.69 -4.24
N GLY B 121 -5.17 -3.98 -5.53
CA GLY B 121 -4.70 -3.03 -6.54
C GLY B 121 -5.53 -1.77 -6.64
N ILE B 122 -6.85 -1.89 -6.43
CA ILE B 122 -7.72 -0.72 -6.57
C ILE B 122 -8.76 -0.58 -5.44
N GLY B 123 -8.94 -1.62 -4.65
CA GLY B 123 -9.90 -1.50 -3.57
C GLY B 123 -11.33 -1.44 -4.07
N GLY B 124 -12.15 -0.59 -3.45
CA GLY B 124 -13.58 -0.62 -3.65
C GLY B 124 -14.10 0.17 -4.84
N LEU B 125 -13.66 -0.24 -6.04
CA LEU B 125 -13.99 0.53 -7.23
C LEU B 125 -15.48 0.49 -7.55
N GLU B 126 -16.13 -0.67 -7.35
CA GLU B 126 -17.57 -0.76 -7.57
C GLU B 126 -18.32 0.20 -6.66
N THR B 127 -17.90 0.29 -5.40
CA THR B 127 -18.52 1.19 -4.43
C THR B 127 -18.35 2.64 -4.87
N LEU B 128 -17.13 2.99 -5.29
CA LEU B 128 -16.88 4.32 -5.80
C LEU B 128 -17.77 4.66 -7.00
N GLU B 129 -17.85 3.76 -7.98
CA GLU B 129 -18.72 3.99 -9.13
C GLU B 129 -20.17 4.20 -8.73
N SER B 130 -20.68 3.33 -7.86
CA SER B 130 -22.09 3.46 -7.49
CA SER B 130 -22.07 3.42 -7.41
C SER B 130 -22.36 4.71 -6.65
N GLN B 131 -21.44 5.03 -5.73
CA GLN B 131 -21.64 6.20 -4.88
C GLN B 131 -21.48 7.49 -5.67
N PHE B 132 -20.58 7.51 -6.65
CA PHE B 132 -20.41 8.70 -7.46
C PHE B 132 -21.60 8.92 -8.40
N GLU B 133 -22.16 7.83 -8.92
CA GLU B 133 -23.36 7.95 -9.76
C GLU B 133 -24.51 8.51 -8.93
N ILE B 134 -24.61 8.06 -7.67
CA ILE B 134 -25.59 8.62 -6.73
C ILE B 134 -25.34 10.12 -6.51
N PHE B 135 -24.09 10.49 -6.27
CA PHE B 135 -23.73 11.89 -6.13
C PHE B 135 -24.22 12.71 -7.33
N LEU B 136 -23.97 12.20 -8.53
CA LEU B 136 -24.28 12.95 -9.74
C LEU B 136 -25.78 13.06 -10.00
N THR B 137 -26.51 12.02 -9.62
CA THR B 137 -27.94 11.95 -9.92
C THR B 137 -28.82 12.41 -8.76
N LYS B 138 -28.34 12.26 -7.52
CA LYS B 138 -29.16 12.57 -6.35
C LYS B 138 -28.54 13.60 -5.39
N GLY B 139 -27.26 13.89 -5.55
CA GLY B 139 -26.61 14.91 -4.74
C GLY B 139 -25.79 14.33 -3.60
N PRO B 140 -24.91 15.16 -3.02
CA PRO B 140 -23.97 14.68 -2.00
C PRO B 140 -24.64 14.20 -0.70
N ARG B 141 -25.87 14.64 -0.40
CA ARG B 141 -26.54 14.19 0.83
C ARG B 141 -26.92 12.72 0.76
N ARG B 142 -26.90 12.15 -0.45
CA ARG B 142 -27.32 10.77 -0.62
C ARG B 142 -26.12 9.85 -0.66
N VAL B 143 -24.91 10.44 -0.54
CA VAL B 143 -23.69 9.64 -0.46
C VAL B 143 -23.61 9.04 0.93
N SER B 144 -23.25 7.76 0.98
CA SER B 144 -23.31 6.99 2.23
C SER B 144 -22.22 7.44 3.20
N PRO B 145 -22.53 7.47 4.52
CA PRO B 145 -21.48 7.70 5.52
C PRO B 145 -20.42 6.61 5.46
N PHE B 146 -20.76 5.47 4.88
CA PHE B 146 -19.84 4.34 4.79
C PHE B 146 -19.03 4.34 3.50
N PHE B 147 -19.26 5.31 2.61
CA PHE B 147 -18.56 5.34 1.32
C PHE B 147 -17.05 5.33 1.47
N VAL B 148 -16.50 6.26 2.25
CA VAL B 148 -15.04 6.33 2.35
C VAL B 148 -14.40 5.06 2.91
N PRO B 149 -14.86 4.57 4.07
CA PRO B 149 -14.21 3.35 4.56
C PRO B 149 -14.44 2.15 3.63
N MET B 150 -15.60 2.07 2.97
CA MET B 150 -15.84 0.95 2.04
C MET B 150 -14.93 0.91 0.82
N MET B 151 -14.49 2.09 0.39
N MET B 151 -14.46 2.07 0.37
CA MET B 151 -13.75 2.23 -0.87
CA MET B 151 -13.74 2.11 -0.88
C MET B 151 -12.24 1.99 -0.71
C MET B 151 -12.21 1.99 -0.72
N ILE B 152 -11.68 2.49 0.39
CA ILE B 152 -10.21 2.54 0.52
C ILE B 152 -9.59 1.15 0.56
N PRO B 153 -8.47 0.96 -0.16
CA PRO B 153 -7.88 -0.37 -0.34
C PRO B 153 -7.48 -1.06 0.97
N ASP B 154 -7.14 -0.27 1.98
CA ASP B 154 -6.69 -0.83 3.25
C ASP B 154 -7.81 -1.34 4.13
N MET B 155 -9.05 -1.20 3.67
N MET B 155 -9.05 -1.20 3.67
CA MET B 155 -10.18 -1.68 4.45
CA MET B 155 -10.18 -1.68 4.45
C MET B 155 -10.26 -3.19 4.46
C MET B 155 -10.26 -3.19 4.46
N ALA B 156 -9.62 -3.85 3.49
CA ALA B 156 -9.55 -5.30 3.54
C ALA B 156 -8.72 -5.68 4.78
N THR B 157 -7.53 -5.10 4.91
CA THR B 157 -6.74 -5.29 6.13
C THR B 157 -7.51 -4.86 7.38
N GLY B 158 -8.17 -3.71 7.32
CA GLY B 158 -8.91 -3.23 8.48
C GLY B 158 -10.01 -4.19 8.92
N GLN B 159 -10.81 -4.66 7.98
CA GLN B 159 -11.93 -5.54 8.33
C GLN B 159 -11.46 -6.92 8.76
N ILE B 160 -10.40 -7.43 8.12
CA ILE B 160 -9.80 -8.68 8.57
C ILE B 160 -9.29 -8.54 10.01
N SER B 161 -8.60 -7.45 10.31
N SER B 161 -8.59 -7.44 10.29
CA SER B 161 -8.10 -7.22 11.66
CA SER B 161 -8.09 -7.17 11.64
C SER B 161 -9.22 -7.24 12.69
C SER B 161 -9.20 -7.21 12.67
N ILE B 162 -10.32 -6.54 12.37
CA ILE B 162 -11.46 -6.47 13.29
C ILE B 162 -12.09 -7.86 13.48
N ALA B 163 -12.22 -8.58 12.38
CA ALA B 163 -12.83 -9.92 12.44
C ALA B 163 -11.99 -10.90 13.28
N LEU B 164 -10.66 -10.80 13.17
CA LEU B 164 -9.76 -11.76 13.82
C LEU B 164 -9.30 -11.35 15.21
N GLY B 165 -9.39 -10.05 15.51
CA GLY B 165 -8.80 -9.50 16.73
C GLY B 165 -7.29 -9.38 16.66
N ALA B 166 -6.77 -9.20 15.44
CA ALA B 166 -5.33 -9.07 15.20
C ALA B 166 -4.83 -7.64 15.43
N LYS B 167 -3.97 -7.46 16.43
CA LYS B 167 -3.61 -6.10 16.87
C LYS B 167 -2.16 -5.72 16.58
N GLY B 168 -1.46 -6.55 15.83
CA GLY B 168 -0.05 -6.31 15.57
C GLY B 168 0.18 -5.46 14.33
N VAL B 169 1.38 -5.57 13.78
N VAL B 169 1.36 -5.60 13.75
CA VAL B 169 1.77 -4.79 12.61
CA VAL B 169 1.74 -4.85 12.55
C VAL B 169 0.75 -4.99 11.52
C VAL B 169 0.67 -5.00 11.46
N ASN B 170 0.28 -3.90 10.91
N ASN B 170 0.33 -3.88 10.84
CA ASN B 170 -0.67 -4.08 9.82
CA ASN B 170 -0.93 -3.74 10.13
C ASN B 170 -0.51 -3.01 8.76
C ASN B 170 -0.65 -2.86 8.90
N SER B 171 -0.76 -3.40 7.54
N SER B 171 -0.84 -3.39 7.70
CA SER B 171 -0.56 -2.49 6.45
CA SER B 171 -0.59 -2.56 6.52
C SER B 171 -1.28 -3.02 5.24
C SER B 171 -1.29 -3.05 5.24
N CYS B 172 -1.11 -2.31 4.15
CA CYS B 172 -1.71 -2.65 2.89
C CYS B 172 -0.73 -2.14 1.84
N THR B 173 -0.20 -3.05 1.03
CA THR B 173 0.66 -2.62 -0.07
C THR B 173 -0.19 -2.54 -1.34
N VAL B 174 -0.03 -1.48 -2.12
CA VAL B 174 -0.75 -1.34 -3.37
C VAL B 174 0.29 -1.10 -4.44
N THR B 175 0.54 -2.14 -5.25
CA THR B 175 1.58 -2.08 -6.27
C THR B 175 1.06 -2.75 -7.54
N ALA B 176 -0.17 -2.42 -7.92
N ALA B 176 -0.14 -2.37 -7.95
CA ALA B 176 -0.74 -2.88 -9.19
CA ALA B 176 -0.73 -2.86 -9.19
C ALA B 176 -0.78 -4.40 -9.24
C ALA B 176 -0.82 -4.38 -9.14
N CYS B 177 -0.30 -4.98 -10.34
N CYS B 177 -0.43 -5.09 -10.20
CA CYS B 177 -0.36 -6.43 -10.42
CA CYS B 177 -0.54 -6.53 -10.10
C CYS B 177 0.73 -7.16 -9.62
C CYS B 177 0.69 -7.21 -9.49
N ALA B 178 1.61 -6.39 -8.96
N ALA B 178 1.57 -6.41 -8.88
CA ALA B 178 2.60 -6.95 -8.05
CA ALA B 178 2.62 -6.97 -8.02
C ALA B 178 2.10 -7.03 -6.61
C ALA B 178 2.10 -7.03 -6.59
N THR B 179 0.92 -6.46 -6.37
CA THR B 179 0.37 -6.27 -5.02
C THR B 179 0.38 -7.49 -4.11
N GLY B 180 -0.13 -8.61 -4.58
CA GLY B 180 -0.23 -9.78 -3.72
C GLY B 180 1.13 -10.31 -3.33
N THR B 181 2.06 -10.25 -4.27
CA THR B 181 3.41 -10.75 -4.06
C THR B 181 4.20 -9.81 -3.14
N ASN B 182 4.13 -8.51 -3.39
CA ASN B 182 4.74 -7.54 -2.46
C ASN B 182 4.19 -7.66 -1.04
N SER B 183 2.87 -7.78 -0.91
CA SER B 183 2.27 -7.87 0.42
C SER B 183 2.82 -9.04 1.21
N ILE B 184 2.89 -10.20 0.57
CA ILE B 184 3.39 -11.39 1.26
C ILE B 184 4.87 -11.21 1.62
N GLY B 185 5.64 -10.66 0.70
CA GLY B 185 7.05 -10.42 0.99
C GLY B 185 7.24 -9.44 2.14
N ASP B 186 6.42 -8.39 2.16
CA ASP B 186 6.53 -7.40 3.23
C ASP B 186 6.17 -8.04 4.58
N ALA B 187 5.15 -8.90 4.60
CA ALA B 187 4.74 -9.57 5.83
C ALA B 187 5.85 -10.53 6.29
N PHE B 188 6.44 -11.21 5.32
CA PHE B 188 7.60 -12.08 5.55
C PHE B 188 8.72 -11.32 6.27
N LYS B 189 9.03 -10.12 5.79
CA LYS B 189 10.10 -9.32 6.40
C LYS B 189 9.73 -8.86 7.81
N VAL B 190 8.46 -8.57 8.05
CA VAL B 190 8.01 -8.23 9.41
C VAL B 190 8.34 -9.34 10.39
N ILE B 191 8.01 -10.58 10.03
CA ILE B 191 8.25 -11.69 10.93
C ILE B 191 9.74 -11.96 11.04
N GLN B 192 10.44 -11.86 9.91
CA GLN B 192 11.87 -12.12 9.88
C GLN B 192 12.63 -11.22 10.85
N ARG B 193 12.22 -9.95 10.94
CA ARG B 193 12.96 -9.00 11.79
C ARG B 193 12.47 -9.03 13.23
N GLY B 194 11.46 -9.84 13.49
CA GLY B 194 11.02 -10.08 14.86
C GLY B 194 9.82 -9.28 15.34
N ASP B 195 9.15 -8.57 14.43
CA ASP B 195 8.11 -7.62 14.83
C ASP B 195 6.69 -8.19 14.85
N ALA B 196 6.55 -9.45 14.45
CA ALA B 196 5.30 -10.18 14.64
C ALA B 196 5.57 -11.68 14.66
N ASP B 197 4.72 -12.43 15.34
CA ASP B 197 4.81 -13.89 15.32
C ASP B 197 3.95 -14.52 14.24
N VAL B 198 2.87 -13.83 13.87
CA VAL B 198 1.95 -14.32 12.84
C VAL B 198 1.55 -13.14 11.98
N MET B 199 1.49 -13.34 10.65
CA MET B 199 0.94 -12.34 9.76
C MET B 199 -0.06 -13.00 8.80
N VAL B 200 -1.25 -12.42 8.72
CA VAL B 200 -2.27 -12.86 7.77
C VAL B 200 -2.09 -11.96 6.56
N THR B 201 -1.75 -12.54 5.42
CA THR B 201 -1.23 -11.72 4.33
C THR B 201 -1.58 -12.26 2.94
N GLY B 202 -1.62 -11.38 1.95
CA GLY B 202 -1.95 -11.80 0.60
C GLY B 202 -2.54 -10.65 -0.20
N GLY B 203 -3.42 -10.97 -1.14
CA GLY B 203 -4.00 -9.94 -1.99
C GLY B 203 -5.46 -10.23 -2.27
N THR B 204 -6.22 -9.18 -2.57
CA THR B 204 -7.64 -9.33 -2.86
C THR B 204 -8.01 -8.33 -3.96
N GLU B 205 -8.96 -8.70 -4.82
CA GLU B 205 -9.38 -7.80 -5.88
C GLU B 205 -10.79 -8.13 -6.35
N ALA B 206 -11.60 -7.10 -6.55
CA ALA B 206 -12.88 -7.26 -7.23
C ALA B 206 -12.95 -6.23 -8.33
N PRO B 207 -12.24 -6.50 -9.43
CA PRO B 207 -12.05 -5.50 -10.49
C PRO B 207 -13.04 -5.66 -11.63
N LEU B 208 -14.03 -6.52 -11.49
CA LEU B 208 -14.97 -6.70 -12.59
C LEU B 208 -16.04 -5.62 -12.48
N THR B 209 -15.70 -4.43 -12.97
CA THR B 209 -16.60 -3.28 -12.87
C THR B 209 -16.62 -2.56 -14.21
N ARG B 210 -17.59 -1.67 -14.36
N ARG B 210 -17.57 -1.65 -14.36
CA ARG B 210 -17.73 -0.90 -15.60
CA ARG B 210 -17.70 -0.91 -15.61
C ARG B 210 -16.46 -0.13 -15.97
C ARG B 210 -16.44 -0.11 -15.98
N MET B 211 -15.89 0.62 -15.01
N MET B 211 -15.89 0.62 -15.02
CA MET B 211 -14.71 1.44 -15.31
CA MET B 211 -14.71 1.44 -15.31
C MET B 211 -13.47 0.60 -15.49
C MET B 211 -13.45 0.61 -15.49
N SER B 212 -13.36 -0.50 -14.76
CA SER B 212 -12.22 -1.38 -14.91
C SER B 212 -12.22 -1.99 -16.32
N PHE B 213 -13.36 -2.51 -16.76
CA PHE B 213 -13.42 -3.02 -18.14
C PHE B 213 -13.18 -1.92 -19.17
N ALA B 214 -13.79 -0.76 -18.95
CA ALA B 214 -13.58 0.36 -19.86
C ALA B 214 -12.11 0.75 -19.93
N GLY B 215 -11.47 0.84 -18.76
CA GLY B 215 -10.09 1.27 -18.66
C GLY B 215 -9.12 0.30 -19.30
N PHE B 216 -9.29 -0.98 -19.01
CA PHE B 216 -8.40 -2.00 -19.55
C PHE B 216 -8.70 -2.35 -21.02
N SER B 217 -9.87 -1.98 -21.52
CA SER B 217 -10.13 -2.03 -22.96
C SER B 217 -9.48 -0.84 -23.64
N ALA B 218 -9.57 0.33 -23.01
CA ALA B 218 -9.05 1.55 -23.63
C ALA B 218 -7.53 1.50 -23.81
N ASN B 219 -6.83 0.84 -22.90
CA ASN B 219 -5.38 0.72 -23.04
C ASN B 219 -4.95 -0.58 -23.72
N LYS B 220 -5.94 -1.31 -24.23
CA LYS B 220 -5.72 -2.54 -25.02
C LYS B 220 -5.06 -3.68 -24.24
N ALA B 221 -5.16 -3.65 -22.92
CA ALA B 221 -4.54 -4.70 -22.11
C ALA B 221 -5.32 -6.01 -22.18
N LEU B 222 -6.64 -5.92 -22.28
CA LEU B 222 -7.47 -7.13 -22.28
C LEU B 222 -7.43 -7.83 -23.61
N SER B 223 -7.51 -9.16 -23.57
CA SER B 223 -7.76 -9.93 -24.77
C SER B 223 -9.18 -9.66 -25.29
N THR B 224 -9.29 -9.48 -26.61
CA THR B 224 -10.58 -9.29 -27.26
C THR B 224 -11.10 -10.62 -27.80
N ASN B 225 -10.41 -11.71 -27.47
CA ASN B 225 -10.81 -13.02 -27.95
C ASN B 225 -12.16 -13.39 -27.31
N PRO B 226 -13.20 -13.61 -28.14
CA PRO B 226 -14.52 -13.91 -27.59
C PRO B 226 -14.68 -15.38 -27.19
N ASP B 227 -13.69 -16.20 -27.52
CA ASP B 227 -13.75 -17.64 -27.23
C ASP B 227 -13.09 -17.95 -25.88
N PRO B 228 -13.88 -18.38 -24.89
CA PRO B 228 -13.30 -18.68 -23.58
C PRO B 228 -12.34 -19.87 -23.59
N LYS B 229 -12.40 -20.70 -24.63
CA LYS B 229 -11.53 -21.86 -24.71
C LYS B 229 -10.09 -21.49 -25.03
N THR B 230 -9.89 -20.31 -25.62
CA THR B 230 -8.55 -19.93 -26.09
C THR B 230 -8.11 -18.54 -25.65
N ALA B 231 -8.95 -17.84 -24.87
CA ALA B 231 -8.67 -16.45 -24.57
C ALA B 231 -7.38 -16.26 -23.77
N SER B 232 -7.25 -16.98 -22.66
CA SER B 232 -6.04 -16.89 -21.85
C SER B 232 -5.10 -18.01 -22.26
N ARG B 233 -4.01 -17.65 -22.92
CA ARG B 233 -3.08 -18.65 -23.45
C ARG B 233 -1.63 -18.16 -23.34
N PRO B 234 -1.13 -18.05 -22.09
CA PRO B 234 0.23 -17.53 -21.85
C PRO B 234 1.26 -18.30 -22.68
N PHE B 235 2.19 -17.55 -23.29
CA PHE B 235 3.31 -18.10 -24.07
C PHE B 235 2.94 -18.62 -25.46
N ASP B 236 1.65 -18.56 -25.79
CA ASP B 236 1.18 -18.99 -27.11
C ASP B 236 1.48 -17.90 -28.14
N LYS B 237 1.75 -18.30 -29.37
CA LYS B 237 2.09 -17.34 -30.41
C LYS B 237 0.97 -16.34 -30.68
N ASN B 238 -0.26 -16.76 -30.41
CA ASN B 238 -1.43 -15.94 -30.71
C ASN B 238 -2.08 -15.27 -29.51
N ARG B 239 -1.38 -15.29 -28.38
CA ARG B 239 -1.85 -14.56 -27.20
C ARG B 239 -2.05 -13.08 -27.58
N ASP B 240 -3.02 -12.43 -26.95
CA ASP B 240 -3.45 -11.11 -27.38
C ASP B 240 -3.98 -10.25 -26.24
N GLY B 241 -3.59 -10.60 -25.00
CA GLY B 241 -3.95 -9.80 -23.85
C GLY B 241 -4.43 -10.66 -22.71
N PHE B 242 -4.61 -10.06 -21.53
CA PHE B 242 -5.01 -10.86 -20.40
C PHE B 242 -6.52 -10.97 -20.26
N VAL B 243 -6.96 -11.97 -19.50
CA VAL B 243 -8.36 -12.16 -19.18
C VAL B 243 -8.50 -11.81 -17.70
N MET B 244 -9.36 -10.83 -17.41
CA MET B 244 -9.50 -10.30 -16.06
CA MET B 244 -9.49 -10.32 -16.05
C MET B 244 -10.27 -11.26 -15.15
N GLY B 245 -9.78 -11.42 -13.93
CA GLY B 245 -10.41 -12.29 -12.95
C GLY B 245 -10.61 -11.57 -11.63
N GLU B 246 -11.05 -12.30 -10.61
CA GLU B 246 -11.34 -11.70 -9.31
C GLU B 246 -11.13 -12.76 -8.23
N GLY B 247 -10.92 -12.31 -7.00
CA GLY B 247 -10.84 -13.25 -5.90
C GLY B 247 -9.87 -12.76 -4.84
N ALA B 248 -9.45 -13.66 -3.97
CA ALA B 248 -8.50 -13.31 -2.93
C ALA B 248 -7.67 -14.53 -2.58
N GLY B 249 -6.37 -14.35 -2.38
CA GLY B 249 -5.53 -15.43 -1.89
C GLY B 249 -4.82 -14.96 -0.64
N ILE B 250 -5.08 -15.62 0.49
CA ILE B 250 -4.55 -15.17 1.78
C ILE B 250 -3.82 -16.35 2.42
N ILE B 251 -2.66 -16.07 3.01
CA ILE B 251 -1.95 -17.12 3.73
C ILE B 251 -1.59 -16.66 5.13
N VAL B 252 -1.31 -17.61 6.02
CA VAL B 252 -0.85 -17.28 7.36
C VAL B 252 0.64 -17.58 7.40
N LEU B 253 1.44 -16.53 7.60
CA LEU B 253 2.87 -16.71 7.82
C LEU B 253 3.09 -16.71 9.32
N GLU B 254 4.05 -17.50 9.78
CA GLU B 254 4.29 -17.62 11.20
C GLU B 254 5.76 -17.84 11.51
N GLU B 255 6.25 -17.25 12.60
CA GLU B 255 7.62 -17.50 13.04
C GLU B 255 7.72 -18.96 13.44
N LEU B 256 8.82 -19.61 13.03
CA LEU B 256 8.96 -21.06 13.16
C LEU B 256 8.79 -21.63 14.57
N GLU B 257 9.48 -21.04 15.55
CA GLU B 257 9.42 -21.57 16.91
C GLU B 257 8.01 -21.43 17.49
N HIS B 258 7.34 -20.33 17.13
CA HIS B 258 5.97 -20.10 17.53
C HIS B 258 5.06 -21.17 16.93
N ALA B 259 5.19 -21.42 15.63
CA ALA B 259 4.43 -22.47 14.94
C ALA B 259 4.63 -23.83 15.61
N LEU B 260 5.87 -24.16 15.94
CA LEU B 260 6.19 -25.43 16.58
C LEU B 260 5.57 -25.51 17.98
N ALA B 261 5.62 -24.41 18.71
CA ALA B 261 5.13 -24.39 20.09
C ALA B 261 3.63 -24.66 20.17
N ARG B 262 2.87 -24.19 19.17
CA ARG B 262 1.42 -24.40 19.19
C ARG B 262 0.97 -25.59 18.35
N GLY B 263 1.93 -26.39 17.89
CA GLY B 263 1.62 -27.59 17.12
C GLY B 263 1.05 -27.34 15.73
N ALA B 264 1.38 -26.21 15.13
CA ALA B 264 0.84 -25.85 13.82
C ALA B 264 1.32 -26.83 12.73
N LYS B 265 0.53 -26.97 11.67
CA LYS B 265 0.98 -27.74 10.51
C LYS B 265 1.72 -26.77 9.63
N ILE B 266 2.74 -27.26 8.93
CA ILE B 266 3.59 -26.38 8.14
C ILE B 266 3.58 -26.84 6.69
N TYR B 267 3.20 -25.94 5.80
CA TYR B 267 3.12 -26.25 4.37
C TYR B 267 4.48 -26.11 3.72
N GLY B 268 5.26 -25.17 4.23
CA GLY B 268 6.56 -24.87 3.64
C GLY B 268 7.14 -23.62 4.26
N GLU B 269 8.26 -23.17 3.72
CA GLU B 269 8.95 -22.01 4.28
C GLU B 269 9.10 -20.94 3.22
N ILE B 270 8.95 -19.68 3.62
CA ILE B 270 9.27 -18.60 2.71
C ILE B 270 10.71 -18.15 2.98
N VAL B 271 11.51 -18.02 1.93
CA VAL B 271 12.95 -17.82 2.11
C VAL B 271 13.56 -16.66 1.32
N GLY B 272 12.83 -16.15 0.33
CA GLY B 272 13.38 -15.09 -0.50
C GLY B 272 12.34 -14.14 -1.04
N TYR B 273 12.72 -12.88 -1.17
CA TYR B 273 11.81 -11.80 -1.60
C TYR B 273 12.68 -10.77 -2.33
N GLY B 274 12.27 -10.39 -3.53
CA GLY B 274 13.02 -9.40 -4.31
C GLY B 274 12.04 -8.36 -4.84
N SER B 275 12.44 -7.08 -4.76
CA SER B 275 11.59 -5.98 -5.22
C SER B 275 12.46 -4.99 -5.98
N THR B 276 12.10 -4.71 -7.23
CA THR B 276 12.83 -3.72 -8.02
C THR B 276 11.84 -2.85 -8.79
N GLY B 277 12.35 -1.76 -9.36
CA GLY B 277 11.57 -0.92 -10.25
C GLY B 277 12.29 -0.81 -11.58
N ASP B 278 11.52 -0.81 -12.67
CA ASP B 278 12.09 -0.61 -14.01
C ASP B 278 12.61 0.81 -14.20
N ALA B 279 11.93 1.76 -13.55
CA ALA B 279 12.19 3.19 -13.78
C ALA B 279 12.21 3.51 -15.27
N TYR B 280 11.23 2.96 -16.00
CA TYR B 280 11.24 3.08 -17.44
C TYR B 280 9.96 3.73 -18.00
N HIS B 281 8.81 3.13 -17.73
CA HIS B 281 7.58 3.57 -18.35
C HIS B 281 6.40 3.28 -17.43
N ILE B 282 5.34 4.07 -17.55
CA ILE B 282 4.21 3.90 -16.63
C ILE B 282 3.45 2.59 -16.84
N THR B 283 3.48 2.06 -18.06
CA THR B 283 2.71 0.83 -18.31
C THR B 283 3.53 -0.23 -19.06
N ALA B 284 4.45 0.21 -19.89
CA ALA B 284 5.27 -0.72 -20.66
C ALA B 284 6.45 -1.25 -19.83
N PRO B 285 6.70 -2.58 -19.91
CA PRO B 285 7.82 -3.16 -19.17
C PRO B 285 9.16 -2.81 -19.83
N ALA B 286 10.21 -2.79 -19.02
CA ALA B 286 11.54 -2.44 -19.51
C ALA B 286 12.02 -3.49 -20.51
N GLN B 287 12.89 -3.05 -21.43
CA GLN B 287 13.46 -3.91 -22.46
C GLN B 287 13.98 -5.23 -21.90
N ASP B 288 13.57 -6.32 -22.51
CA ASP B 288 14.04 -7.67 -22.19
C ASP B 288 13.77 -8.09 -20.74
N GLY B 289 12.82 -7.42 -20.11
CA GLY B 289 12.45 -7.72 -18.74
C GLY B 289 13.58 -7.58 -17.75
N GLU B 290 14.49 -6.65 -18.00
CA GLU B 290 15.69 -6.49 -17.18
C GLU B 290 15.37 -6.26 -15.70
N GLY B 291 14.29 -5.54 -15.44
CA GLY B 291 13.89 -5.23 -14.08
C GLY B 291 13.39 -6.49 -13.38
N GLY B 292 12.64 -7.31 -14.13
CA GLY B 292 12.17 -8.58 -13.62
C GLY B 292 13.32 -9.53 -13.32
N ALA B 293 14.31 -9.55 -14.20
CA ALA B 293 15.52 -10.34 -13.95
C ALA B 293 16.19 -9.91 -12.66
N ARG B 294 16.34 -8.60 -12.44
CA ARG B 294 16.95 -8.11 -11.22
C ARG B 294 16.16 -8.50 -9.97
N ALA B 295 14.84 -8.47 -10.04
CA ALA B 295 14.02 -8.85 -8.88
C ALA B 295 14.20 -10.33 -8.56
N MET B 296 14.24 -11.17 -9.60
CA MET B 296 14.49 -12.59 -9.38
C MET B 296 15.86 -12.80 -8.74
N GLN B 297 16.85 -12.05 -9.23
CA GLN B 297 18.20 -12.15 -8.69
C GLN B 297 18.28 -11.71 -7.23
N GLU B 298 17.52 -10.68 -6.87
CA GLU B 298 17.48 -10.20 -5.49
C GLU B 298 16.85 -11.23 -4.57
N ALA B 299 15.81 -11.90 -5.05
CA ALA B 299 15.13 -12.93 -4.26
C ALA B 299 16.04 -14.14 -4.06
N ILE B 300 16.77 -14.51 -5.12
CA ILE B 300 17.72 -15.61 -5.04
C ILE B 300 18.83 -15.28 -4.04
N LYS B 301 19.31 -14.05 -4.08
CA LYS B 301 20.33 -13.61 -3.13
C LYS B 301 19.79 -13.64 -1.70
N ASP B 302 18.57 -13.14 -1.53
CA ASP B 302 17.91 -13.11 -0.23
C ASP B 302 17.79 -14.52 0.35
N ALA B 303 17.47 -15.48 -0.52
CA ALA B 303 17.32 -16.88 -0.10
C ALA B 303 18.68 -17.57 0.14
N GLY B 304 19.74 -16.96 -0.39
CA GLY B 304 21.08 -17.49 -0.25
C GLY B 304 21.31 -18.79 -1.00
N ILE B 305 20.73 -18.89 -2.19
CA ILE B 305 20.84 -20.12 -2.98
C ILE B 305 21.46 -19.84 -4.34
N ALA B 306 21.83 -20.89 -5.06
CA ALA B 306 22.26 -20.74 -6.44
C ALA B 306 21.01 -20.82 -7.32
N PRO B 307 21.00 -20.11 -8.46
CA PRO B 307 19.85 -20.13 -9.37
C PRO B 307 19.43 -21.57 -9.72
N GLU B 308 20.43 -22.45 -9.83
CA GLU B 308 20.21 -23.84 -10.21
C GLU B 308 19.33 -24.60 -9.22
N GLU B 309 19.13 -24.04 -8.03
CA GLU B 309 18.31 -24.70 -7.01
C GLU B 309 16.81 -24.50 -7.21
N ILE B 310 16.44 -23.56 -8.08
CA ILE B 310 15.02 -23.34 -8.40
C ILE B 310 14.51 -24.46 -9.31
N ASP B 311 13.43 -25.11 -8.89
CA ASP B 311 12.88 -26.24 -9.64
C ASP B 311 11.73 -25.84 -10.54
N TYR B 312 10.95 -24.87 -10.08
CA TYR B 312 9.70 -24.48 -10.73
C TYR B 312 9.47 -22.99 -10.53
N ILE B 313 9.12 -22.32 -11.63
CA ILE B 313 8.74 -20.92 -11.58
C ILE B 313 7.27 -20.79 -11.91
N ASN B 314 6.49 -20.24 -10.99
CA ASN B 314 5.12 -19.85 -11.28
C ASN B 314 5.19 -18.47 -11.90
N ALA B 315 5.08 -18.43 -13.23
CA ALA B 315 5.30 -17.19 -13.95
C ALA B 315 4.22 -16.15 -13.68
N HIS B 316 4.54 -14.90 -13.98
CA HIS B 316 3.50 -13.89 -13.97
C HIS B 316 2.57 -14.24 -15.13
N GLY B 317 3.17 -14.52 -16.30
CA GLY B 317 2.47 -15.12 -17.44
C GLY B 317 1.05 -14.66 -17.72
N THR B 318 0.90 -13.39 -18.05
CA THR B 318 -0.42 -12.79 -18.18
C THR B 318 -1.12 -13.05 -19.52
N SER B 319 -0.39 -13.57 -20.51
CA SER B 319 -0.91 -13.79 -21.87
C SER B 319 -0.95 -12.51 -22.73
N THR B 320 -0.20 -11.48 -22.34
CA THR B 320 0.04 -10.35 -23.26
C THR B 320 1.30 -10.67 -24.06
N TYR B 321 1.44 -10.03 -25.23
CA TYR B 321 2.62 -10.27 -26.05
C TYR B 321 3.91 -9.94 -25.30
N TYR B 322 3.99 -8.74 -24.75
CA TYR B 322 5.25 -8.30 -24.16
C TYR B 322 5.60 -8.94 -22.82
N ASN B 323 4.61 -9.19 -21.97
CA ASN B 323 4.93 -9.82 -20.71
C ASN B 323 5.59 -11.18 -20.90
N ASP B 324 4.95 -12.04 -21.67
CA ASP B 324 5.39 -13.42 -21.74
C ASP B 324 6.72 -13.53 -22.48
N LYS B 325 6.91 -12.65 -23.46
CA LYS B 325 8.17 -12.56 -24.17
C LYS B 325 9.31 -12.10 -23.26
N TYR B 326 9.08 -11.00 -22.54
CA TYR B 326 10.13 -10.42 -21.70
C TYR B 326 10.39 -11.27 -20.45
N GLU B 327 9.33 -11.90 -19.93
CA GLU B 327 9.51 -12.77 -18.76
C GLU B 327 10.36 -13.95 -19.16
N THR B 328 10.13 -14.49 -20.37
CA THR B 328 10.96 -15.57 -20.88
C THR B 328 12.41 -15.12 -20.99
N MET B 329 12.64 -13.91 -21.50
CA MET B 329 14.01 -13.40 -21.61
C MET B 329 14.64 -13.23 -20.23
N ALA B 330 13.87 -12.73 -19.28
CA ALA B 330 14.35 -12.48 -17.92
C ALA B 330 14.77 -13.79 -17.28
N ILE B 331 13.95 -14.83 -17.49
CA ILE B 331 14.28 -16.15 -16.94
C ILE B 331 15.59 -16.69 -17.53
N LYS B 332 15.80 -16.49 -18.84
CA LYS B 332 17.05 -16.91 -19.45
C LYS B 332 18.23 -16.12 -18.89
N THR B 333 18.03 -14.82 -18.69
CA THR B 333 19.08 -13.96 -18.16
C THR B 333 19.52 -14.44 -16.78
N VAL B 334 18.55 -14.72 -15.90
CA VAL B 334 18.86 -15.12 -14.54
C VAL B 334 19.44 -16.53 -14.44
N PHE B 335 18.84 -17.47 -15.17
CA PHE B 335 19.17 -18.89 -14.97
C PHE B 335 20.14 -19.50 -15.98
N GLY B 336 20.43 -18.78 -17.06
CA GLY B 336 21.37 -19.28 -18.06
C GLY B 336 20.88 -20.59 -18.65
N GLU B 337 21.77 -21.57 -18.73
CA GLU B 337 21.41 -22.87 -19.28
C GLU B 337 20.34 -23.57 -18.44
N HIS B 338 20.30 -23.25 -17.15
CA HIS B 338 19.33 -23.86 -16.23
C HIS B 338 17.90 -23.46 -16.59
N ALA B 339 17.75 -22.39 -17.38
CA ALA B 339 16.43 -21.95 -17.83
C ALA B 339 15.67 -23.05 -18.58
N HIS B 340 16.41 -23.93 -19.25
CA HIS B 340 15.80 -25.02 -20.00
C HIS B 340 15.68 -26.29 -19.18
N LYS B 341 16.22 -26.26 -17.96
CA LYS B 341 16.18 -27.42 -17.08
C LYS B 341 15.03 -27.35 -16.08
N LEU B 342 14.71 -26.13 -15.62
CA LEU B 342 13.60 -25.97 -14.68
C LEU B 342 12.25 -25.97 -15.39
N ALA B 343 11.17 -26.01 -14.63
CA ALA B 343 9.82 -25.94 -15.17
C ALA B 343 9.24 -24.55 -14.91
N VAL B 344 8.48 -24.04 -15.87
CA VAL B 344 7.78 -22.77 -15.71
C VAL B 344 6.31 -23.05 -16.00
N SER B 345 5.40 -22.42 -15.27
CA SER B 345 4.01 -22.45 -15.76
C SER B 345 3.25 -21.20 -15.35
N SER B 346 2.23 -20.87 -16.13
CA SER B 346 1.32 -19.79 -15.75
C SER B 346 -0.05 -20.36 -15.46
N THR B 347 -0.45 -20.23 -14.20
CA THR B 347 -1.78 -20.66 -13.79
C THR B 347 -2.86 -19.63 -14.18
N LYS B 348 -2.44 -18.47 -14.68
CA LYS B 348 -3.40 -17.51 -15.24
C LYS B 348 -4.08 -18.07 -16.49
N SER B 349 -3.49 -19.12 -17.07
CA SER B 349 -4.15 -19.85 -18.16
C SER B 349 -5.49 -20.42 -17.69
N MET B 350 -5.62 -20.67 -16.39
CA MET B 350 -6.83 -21.25 -15.82
C MET B 350 -7.64 -20.24 -14.97
N THR B 351 -6.94 -19.43 -14.18
CA THR B 351 -7.59 -18.52 -13.24
C THR B 351 -7.91 -17.15 -13.84
N GLY B 352 -7.35 -16.86 -15.01
CA GLY B 352 -7.31 -15.48 -15.46
C GLY B 352 -6.38 -14.64 -14.58
N HIS B 353 -6.39 -13.34 -14.82
CA HIS B 353 -5.50 -12.42 -14.13
C HIS B 353 -6.22 -11.72 -12.99
N LEU B 354 -5.90 -12.09 -11.75
CA LEU B 354 -6.60 -11.57 -10.58
C LEU B 354 -6.06 -10.22 -10.11
N LEU B 355 -5.18 -9.63 -10.92
CA LEU B 355 -4.62 -8.30 -10.65
C LEU B 355 -3.92 -8.28 -9.28
N GLY B 356 -4.39 -7.41 -8.37
CA GLY B 356 -3.80 -7.34 -7.04
C GLY B 356 -3.84 -8.64 -6.24
N ALA B 357 -4.77 -9.53 -6.57
CA ALA B 357 -4.85 -10.82 -5.88
C ALA B 357 -4.02 -11.91 -6.57
N ALA B 358 -3.49 -11.62 -7.76
CA ALA B 358 -2.76 -12.64 -8.52
C ALA B 358 -1.61 -13.25 -7.72
N GLY B 359 -0.77 -12.41 -7.11
CA GLY B 359 0.35 -12.91 -6.34
C GLY B 359 -0.08 -13.72 -5.13
N GLY B 360 -1.28 -13.44 -4.62
CA GLY B 360 -1.81 -14.17 -3.47
C GLY B 360 -2.18 -15.60 -3.84
N ILE B 361 -3.02 -15.75 -4.86
CA ILE B 361 -3.41 -17.08 -5.30
CA ILE B 361 -3.40 -17.11 -5.25
C ILE B 361 -2.23 -17.87 -5.86
N GLU B 362 -1.31 -17.17 -6.51
N GLU B 362 -1.30 -17.16 -6.49
CA GLU B 362 -0.14 -17.83 -7.10
CA GLU B 362 -0.15 -17.83 -7.10
C GLU B 362 0.88 -18.23 -6.04
C GLU B 362 0.89 -18.22 -6.05
N ALA B 363 0.93 -17.49 -4.93
CA ALA B 363 1.72 -17.91 -3.79
C ALA B 363 1.16 -19.21 -3.24
N ILE B 364 -0.16 -19.27 -3.12
CA ILE B 364 -0.82 -20.50 -2.66
C ILE B 364 -0.51 -21.69 -3.58
N PHE B 365 -0.57 -21.48 -4.88
CA PHE B 365 -0.30 -22.57 -5.81
C PHE B 365 1.17 -23.00 -5.74
N SER B 366 2.06 -22.04 -5.50
CA SER B 366 3.49 -22.32 -5.40
C SER B 366 3.77 -23.17 -4.16
N ILE B 367 3.19 -22.73 -3.04
CA ILE B 367 3.30 -23.45 -1.77
C ILE B 367 2.72 -24.86 -1.86
N LEU B 368 1.54 -24.99 -2.47
CA LEU B 368 0.96 -26.32 -2.63
C LEU B 368 1.74 -27.20 -3.62
N ALA B 369 2.36 -26.58 -4.62
CA ALA B 369 3.16 -27.34 -5.56
C ALA B 369 4.27 -28.05 -4.81
N ILE B 370 4.86 -27.36 -3.84
CA ILE B 370 5.91 -27.94 -3.00
C ILE B 370 5.35 -29.01 -2.06
N LYS B 371 4.30 -28.65 -1.33
CA LYS B 371 3.74 -29.58 -0.33
C LYS B 371 3.21 -30.86 -0.97
N GLU B 372 2.55 -30.72 -2.11
CA GLU B 372 1.91 -31.84 -2.79
C GLU B 372 2.80 -32.53 -3.83
N GLY B 373 3.87 -31.86 -4.24
CA GLY B 373 4.77 -32.41 -5.25
C GLY B 373 4.07 -32.53 -6.60
N VAL B 374 3.36 -31.47 -6.98
CA VAL B 374 2.66 -31.43 -8.26
C VAL B 374 2.82 -30.05 -8.87
N ILE B 375 3.24 -29.99 -10.12
CA ILE B 375 3.35 -28.72 -10.82
C ILE B 375 2.13 -28.53 -11.69
N PRO B 376 1.35 -27.46 -11.44
CA PRO B 376 0.18 -27.20 -12.29
C PRO B 376 0.60 -26.74 -13.68
N PRO B 377 -0.21 -27.10 -14.69
CA PRO B 377 0.18 -26.85 -16.09
C PRO B 377 -0.12 -25.44 -16.56
N THR B 378 0.43 -25.08 -17.72
CA THR B 378 -0.10 -23.98 -18.48
C THR B 378 -1.02 -24.59 -19.50
N ILE B 379 -2.30 -24.24 -19.47
CA ILE B 379 -3.22 -24.76 -20.49
C ILE B 379 -3.37 -23.80 -21.66
N ASN B 380 -3.90 -24.34 -22.76
CA ASN B 380 -4.30 -23.59 -23.96
C ASN B 380 -3.18 -23.20 -24.92
N ILE B 381 -1.97 -23.71 -24.70
CA ILE B 381 -0.92 -23.46 -25.66
C ILE B 381 -1.08 -24.38 -26.87
N GLN B 382 -1.47 -23.79 -28.00
CA GLN B 382 -1.67 -24.59 -29.21
C GLN B 382 -0.66 -24.26 -30.29
N THR B 383 -0.18 -23.01 -30.29
CA THR B 383 0.77 -22.59 -31.29
C THR B 383 2.05 -22.10 -30.64
N PRO B 384 3.13 -22.88 -30.79
CA PRO B 384 4.45 -22.52 -30.26
C PRO B 384 4.94 -21.17 -30.77
N ASP B 385 5.52 -20.39 -29.87
CA ASP B 385 6.16 -19.13 -30.21
C ASP B 385 7.67 -19.31 -30.11
N GLU B 386 8.40 -19.02 -31.19
CA GLU B 386 9.85 -19.20 -31.22
C GLU B 386 10.55 -18.44 -30.09
N GLU B 387 9.94 -17.32 -29.68
CA GLU B 387 10.51 -16.47 -28.63
C GLU B 387 10.22 -17.00 -27.24
N CYS B 388 9.16 -17.79 -27.11
CA CYS B 388 8.82 -18.39 -25.81
C CYS B 388 9.02 -19.89 -25.91
N ASP B 389 10.27 -20.31 -25.71
CA ASP B 389 10.63 -21.70 -26.00
C ASP B 389 11.09 -22.48 -24.77
N LEU B 390 10.66 -22.04 -23.59
CA LEU B 390 10.96 -22.79 -22.38
C LEU B 390 9.96 -23.92 -22.20
N ASP B 391 10.09 -24.64 -21.08
CA ASP B 391 9.19 -25.72 -20.73
C ASP B 391 8.05 -25.13 -19.88
N TYR B 392 6.90 -24.92 -20.50
CA TYR B 392 5.77 -24.28 -19.81
C TYR B 392 4.78 -25.26 -19.19
N VAL B 393 5.24 -26.51 -19.03
CA VAL B 393 4.41 -27.58 -18.49
C VAL B 393 3.03 -27.58 -19.16
N PRO B 394 3.01 -27.77 -20.48
CA PRO B 394 1.73 -27.58 -21.19
C PRO B 394 0.70 -28.68 -20.90
N ASP B 395 -0.56 -28.27 -20.76
CA ASP B 395 -1.72 -29.17 -20.80
C ASP B 395 -1.93 -30.02 -19.56
N GLU B 396 -0.87 -30.66 -19.09
CA GLU B 396 -0.99 -31.64 -18.03
C GLU B 396 -0.10 -31.35 -16.83
N ALA B 397 -0.67 -31.47 -15.63
CA ALA B 397 0.11 -31.36 -14.40
C ALA B 397 1.22 -32.40 -14.37
N ARG B 398 2.29 -32.08 -13.66
CA ARG B 398 3.47 -32.92 -13.60
C ARG B 398 3.82 -33.24 -12.15
N ARG B 399 3.81 -34.53 -11.80
CA ARG B 399 4.19 -34.90 -10.44
C ARG B 399 5.69 -34.90 -10.31
N GLN B 400 6.20 -34.25 -9.27
CA GLN B 400 7.62 -34.05 -9.14
C GLN B 400 7.95 -33.56 -7.74
N GLU B 401 9.05 -34.03 -7.18
CA GLU B 401 9.50 -33.52 -5.89
C GLU B 401 10.18 -32.17 -6.03
N LEU B 402 9.59 -31.15 -5.42
CA LEU B 402 10.10 -29.79 -5.54
C LEU B 402 10.77 -29.36 -4.26
N ASN B 403 11.92 -28.69 -4.37
CA ASN B 403 12.58 -28.15 -3.19
C ASN B 403 12.43 -26.65 -3.10
N TYR B 404 12.53 -25.97 -4.24
CA TYR B 404 12.38 -24.52 -4.30
C TYR B 404 11.46 -24.11 -5.43
N VAL B 405 10.57 -23.17 -5.14
CA VAL B 405 9.69 -22.60 -6.16
C VAL B 405 9.79 -21.07 -6.11
N LEU B 406 9.80 -20.47 -7.30
CA LEU B 406 9.87 -19.01 -7.40
C LEU B 406 8.58 -18.53 -8.05
N SER B 407 8.00 -17.45 -7.51
CA SER B 407 6.80 -16.84 -8.10
C SER B 407 7.04 -15.39 -8.44
N ASN B 408 6.75 -15.02 -9.69
CA ASN B 408 6.91 -13.64 -10.17
C ASN B 408 5.61 -12.86 -10.27
N SER B 409 5.69 -11.55 -10.01
CA SER B 409 4.61 -10.61 -10.35
C SER B 409 5.23 -9.33 -10.87
N LEU B 410 4.59 -8.70 -11.84
CA LEU B 410 5.08 -7.42 -12.37
C LEU B 410 3.85 -6.52 -12.46
N GLY B 411 4.01 -5.21 -12.34
CA GLY B 411 2.86 -4.31 -12.44
C GLY B 411 3.16 -3.02 -13.18
N PHE B 412 2.10 -2.29 -13.56
CA PHE B 412 2.23 -0.91 -14.03
C PHE B 412 3.06 -0.14 -13.02
N GLY B 413 3.67 0.95 -13.44
CA GLY B 413 4.56 1.67 -12.53
C GLY B 413 5.92 1.00 -12.47
N GLY B 414 6.11 -0.02 -13.30
CA GLY B 414 7.39 -0.72 -13.38
C GLY B 414 7.73 -1.54 -12.15
N HIS B 415 6.73 -1.99 -11.40
CA HIS B 415 6.99 -2.78 -10.19
C HIS B 415 7.34 -4.23 -10.55
N ASN B 416 8.43 -4.75 -9.99
CA ASN B 416 8.76 -6.18 -10.14
C ASN B 416 8.90 -6.81 -8.76
N ALA B 417 8.22 -7.92 -8.53
CA ALA B 417 8.28 -8.57 -7.22
C ALA B 417 8.39 -10.08 -7.40
N THR B 418 9.25 -10.70 -6.61
CA THR B 418 9.49 -12.15 -6.71
C THR B 418 9.54 -12.74 -5.30
N LEU B 419 8.92 -13.90 -5.12
CA LEU B 419 9.02 -14.65 -3.85
C LEU B 419 9.65 -16.01 -4.11
N ILE B 420 10.41 -16.51 -3.14
CA ILE B 420 10.93 -17.88 -3.24
C ILE B 420 10.47 -18.68 -2.03
N PHE B 421 9.88 -19.84 -2.31
CA PHE B 421 9.41 -20.76 -1.27
C PHE B 421 10.27 -22.01 -1.26
N LYS B 422 10.37 -22.62 -0.09
CA LYS B 422 11.22 -23.79 0.10
C LYS B 422 10.47 -24.90 0.81
N LYS B 423 10.73 -26.13 0.43
CA LYS B 423 10.21 -27.27 1.18
C LYS B 423 10.68 -27.21 2.63
N TYR B 424 9.76 -27.49 3.56
CA TYR B 424 10.16 -27.60 4.96
C TYR B 424 10.37 -29.07 5.34
N GLN B 425 11.54 -29.35 5.91
CA GLN B 425 11.93 -30.68 6.39
C GLN B 425 10.82 -31.42 7.12
#